data_2GLL
#
_entry.id   2GLL
#
_cell.length_a   73.857
_cell.length_b   100.585
_cell.length_c   185.752
_cell.angle_alpha   90.00
_cell.angle_beta   90.00
_cell.angle_gamma   90.00
#
_symmetry.space_group_name_H-M   'P 21 21 21'
#
loop_
_entity.id
_entity.type
_entity.pdbx_description
1 polymer '(3R)-hydroxymyristoyl-acyl carrier protein dehydratase'
2 non-polymer 'CHLORIDE ION'
3 non-polymer BENZAMIDINE
4 water water
#
_entity_poly.entity_id   1
_entity_poly.type   'polypeptide(L)'
_entity_poly.pdbx_seq_one_letter_code
;MRGSHHHHHHGSMEQSHQNLQSQFFIEHILQILPHRYPMLLVDRITELQANQKIVAYKNITFNEDVFNGHFPNKPIFPGV
LIVEGMAQSGGFLAFTSLWGFDPEIAKTKIVYFMTIDKVKFRIPVTPGDRLEYHLEVLKHKGMIWQVGGTAQVDGKVVAE
AELKAMIAERE
;
_entity_poly.pdbx_strand_id   A,B,C,D,E,F
#
# COMPACT_ATOMS: atom_id res chain seq x y z
N LEU A 20 17.69 25.31 -21.47
CA LEU A 20 17.49 24.02 -20.76
C LEU A 20 18.68 23.69 -19.85
N GLN A 21 18.41 23.54 -18.56
CA GLN A 21 19.46 23.19 -17.61
C GLN A 21 19.88 21.77 -17.97
N SER A 22 20.82 21.20 -17.22
CA SER A 22 21.26 19.83 -17.47
C SER A 22 21.03 18.97 -16.22
N GLN A 23 20.50 19.60 -15.17
CA GLN A 23 20.20 18.90 -13.91
C GLN A 23 18.77 19.21 -13.47
N PHE A 24 18.02 18.18 -13.13
CA PHE A 24 16.64 18.35 -12.68
C PHE A 24 16.35 17.44 -11.48
N PHE A 25 15.55 17.94 -10.55
CA PHE A 25 15.19 17.20 -9.35
C PHE A 25 13.75 16.71 -9.43
N ILE A 26 13.36 15.86 -8.49
CA ILE A 26 12.02 15.28 -8.48
C ILE A 26 10.89 16.29 -8.68
N GLU A 27 11.10 17.53 -8.24
CA GLU A 27 10.09 18.57 -8.40
C GLU A 27 9.86 18.83 -9.89
N HIS A 28 10.93 18.82 -10.67
CA HIS A 28 10.86 19.06 -12.11
C HIS A 28 10.34 17.85 -12.87
N ILE A 29 10.79 16.67 -12.46
CA ILE A 29 10.35 15.44 -13.10
C ILE A 29 8.83 15.32 -13.00
N LEU A 30 8.29 15.65 -11.82
CA LEU A 30 6.86 15.61 -11.58
C LEU A 30 6.09 16.57 -12.49
N GLN A 31 6.73 17.67 -12.87
CA GLN A 31 6.08 18.65 -13.73
C GLN A 31 6.11 18.25 -15.20
N ILE A 32 7.07 17.43 -15.57
CA ILE A 32 7.18 17.00 -16.95
C ILE A 32 6.54 15.64 -17.22
N LEU A 33 6.87 14.65 -16.41
CA LEU A 33 6.30 13.32 -16.58
C LEU A 33 4.92 13.18 -15.92
N PRO A 34 4.05 12.37 -16.52
CA PRO A 34 2.70 12.14 -15.99
C PRO A 34 2.69 11.01 -14.96
N HIS A 35 3.73 10.19 -14.97
CA HIS A 35 3.83 9.06 -14.06
C HIS A 35 3.76 9.49 -12.58
N ARG A 36 3.12 8.65 -11.77
CA ARG A 36 2.99 8.91 -10.34
C ARG A 36 3.23 7.62 -9.56
N TYR A 37 3.20 7.72 -8.23
CA TYR A 37 3.38 6.55 -7.38
C TYR A 37 2.31 5.52 -7.69
N PRO A 38 2.68 4.24 -7.79
CA PRO A 38 4.03 3.69 -7.65
C PRO A 38 4.68 3.34 -8.99
N MET A 39 4.54 4.22 -9.98
CA MET A 39 5.12 3.98 -11.29
C MET A 39 6.05 5.07 -11.84
N LEU A 40 6.45 6.00 -10.99
CA LEU A 40 7.40 7.05 -11.39
C LEU A 40 8.73 6.51 -10.88
N LEU A 41 9.52 6.00 -11.81
CA LEU A 41 10.78 5.37 -11.46
C LEU A 41 12.06 6.12 -11.82
N VAL A 42 12.00 7.45 -11.76
CA VAL A 42 13.15 8.28 -12.03
C VAL A 42 13.18 9.33 -10.92
N ASP A 43 14.29 9.40 -10.18
CA ASP A 43 14.39 10.34 -9.07
C ASP A 43 15.14 11.64 -9.31
N ARG A 44 16.13 11.62 -10.20
CA ARG A 44 16.90 12.83 -10.45
C ARG A 44 17.61 12.72 -11.82
N ILE A 45 17.76 13.86 -12.48
CA ILE A 45 18.43 13.94 -13.78
C ILE A 45 19.77 14.64 -13.55
N THR A 46 20.87 13.95 -13.87
CA THR A 46 22.19 14.52 -13.66
C THR A 46 22.83 15.18 -14.87
N GLU A 47 22.43 14.73 -16.06
CA GLU A 47 22.97 15.29 -17.29
C GLU A 47 21.89 15.24 -18.38
N LEU A 48 21.81 16.29 -19.18
CA LEU A 48 20.82 16.34 -20.24
C LEU A 48 21.31 17.16 -21.43
N GLN A 49 21.38 16.50 -22.58
CA GLN A 49 21.83 17.10 -23.84
C GLN A 49 20.65 17.00 -24.80
N ALA A 50 20.04 18.14 -25.13
CA ALA A 50 18.90 18.13 -26.05
C ALA A 50 19.16 17.33 -27.32
N ASN A 51 18.21 16.46 -27.66
CA ASN A 51 18.31 15.63 -28.86
C ASN A 51 19.48 14.66 -28.85
N GLN A 52 20.22 14.63 -27.77
CA GLN A 52 21.37 13.73 -27.70
C GLN A 52 21.29 12.67 -26.63
N LYS A 53 21.34 13.10 -25.37
CA LYS A 53 21.29 12.13 -24.29
C LYS A 53 20.85 12.68 -22.95
N ILE A 54 20.62 11.75 -22.04
CA ILE A 54 20.22 12.07 -20.69
C ILE A 54 20.81 11.01 -19.77
N VAL A 55 21.23 11.44 -18.60
CA VAL A 55 21.77 10.55 -17.59
C VAL A 55 20.97 10.89 -16.35
N ALA A 56 20.24 9.90 -15.84
CA ALA A 56 19.43 10.09 -14.65
C ALA A 56 19.56 8.84 -13.79
N TYR A 57 18.87 8.82 -12.65
CA TYR A 57 18.94 7.67 -11.79
C TYR A 57 17.76 7.55 -10.84
N LYS A 58 17.59 6.35 -10.32
CA LYS A 58 16.54 6.07 -9.36
C LYS A 58 17.20 5.34 -8.20
N ASN A 59 16.97 5.82 -6.99
CA ASN A 59 17.53 5.15 -5.84
C ASN A 59 16.71 3.89 -5.58
N ILE A 60 17.39 2.82 -5.20
CA ILE A 60 16.73 1.55 -4.90
C ILE A 60 16.86 1.36 -3.40
N THR A 61 15.71 1.18 -2.74
CA THR A 61 15.67 1.00 -1.29
C THR A 61 14.71 -0.14 -0.94
N PHE A 62 14.92 -0.77 0.21
CA PHE A 62 14.04 -1.86 0.62
C PHE A 62 12.63 -1.35 0.85
N ASN A 63 12.51 -0.09 1.28
CA ASN A 63 11.22 0.53 1.56
C ASN A 63 10.30 0.75 0.35
N GLU A 64 10.29 -0.19 -0.60
CA GLU A 64 9.42 -0.07 -1.77
C GLU A 64 8.50 -1.28 -1.83
N ASP A 65 7.21 -1.04 -2.06
CA ASP A 65 6.22 -2.10 -2.09
C ASP A 65 6.56 -3.26 -3.02
N VAL A 66 7.26 -2.95 -4.12
CA VAL A 66 7.62 -3.98 -5.08
C VAL A 66 8.38 -5.16 -4.45
N PHE A 67 9.21 -4.87 -3.46
CA PHE A 67 9.98 -5.92 -2.83
C PHE A 67 9.19 -6.90 -1.97
N ASN A 68 7.99 -6.50 -1.54
CA ASN A 68 7.16 -7.43 -0.77
C ASN A 68 6.95 -8.70 -1.59
N GLY A 69 6.88 -8.55 -2.91
CA GLY A 69 6.65 -9.70 -3.76
C GLY A 69 7.73 -10.10 -4.76
N HIS A 70 8.89 -9.47 -4.71
CA HIS A 70 9.96 -9.78 -5.67
C HIS A 70 11.35 -9.62 -5.06
N PHE A 71 11.76 -10.54 -4.18
CA PHE A 71 10.97 -11.70 -3.76
C PHE A 71 11.05 -11.77 -2.23
N PRO A 72 10.19 -12.60 -1.61
CA PRO A 72 10.25 -12.70 -0.15
C PRO A 72 11.64 -13.19 0.26
N ASN A 73 12.29 -12.50 1.19
CA ASN A 73 13.63 -12.85 1.66
C ASN A 73 14.76 -12.55 0.68
N LYS A 74 14.42 -12.28 -0.58
CA LYS A 74 15.44 -11.98 -1.59
C LYS A 74 14.98 -10.81 -2.45
N PRO A 75 15.18 -9.58 -1.96
CA PRO A 75 14.76 -8.41 -2.75
C PRO A 75 15.60 -8.12 -4.01
N ILE A 76 14.95 -8.25 -5.15
CA ILE A 76 15.55 -8.00 -6.46
C ILE A 76 14.61 -7.02 -7.19
N PHE A 77 15.15 -5.93 -7.70
CA PHE A 77 14.35 -4.94 -8.41
C PHE A 77 14.02 -5.51 -9.79
N PRO A 78 12.74 -5.68 -10.11
CA PRO A 78 12.27 -6.22 -11.40
C PRO A 78 12.95 -5.66 -12.66
N GLY A 79 13.51 -6.56 -13.47
CA GLY A 79 14.15 -6.14 -14.70
C GLY A 79 13.24 -5.29 -15.58
N VAL A 80 11.95 -5.62 -15.64
CA VAL A 80 11.04 -4.84 -16.47
C VAL A 80 10.89 -3.42 -15.96
N LEU A 81 11.05 -3.21 -14.66
CA LEU A 81 10.95 -1.87 -14.12
C LEU A 81 12.22 -1.08 -14.44
N ILE A 82 13.34 -1.78 -14.61
CA ILE A 82 14.59 -1.12 -14.98
C ILE A 82 14.36 -0.52 -16.36
N VAL A 83 13.76 -1.31 -17.24
CA VAL A 83 13.46 -0.88 -18.59
C VAL A 83 12.51 0.32 -18.57
N GLU A 84 11.50 0.25 -17.69
CA GLU A 84 10.50 1.29 -17.52
C GLU A 84 11.19 2.60 -17.13
N GLY A 85 12.11 2.51 -16.18
CA GLY A 85 12.85 3.68 -15.74
C GLY A 85 13.66 4.25 -16.89
N MET A 86 14.17 3.37 -17.74
CA MET A 86 14.93 3.81 -18.91
C MET A 86 13.99 4.54 -19.86
N ALA A 87 12.80 3.97 -20.08
CA ALA A 87 11.82 4.60 -20.95
C ALA A 87 11.38 5.98 -20.43
N GLN A 88 11.14 6.07 -19.13
CA GLN A 88 10.72 7.35 -18.54
C GLN A 88 11.82 8.40 -18.71
N SER A 89 13.08 7.97 -18.57
CA SER A 89 14.20 8.89 -18.73
C SER A 89 14.22 9.39 -20.18
N GLY A 90 14.05 8.46 -21.11
CA GLY A 90 14.03 8.80 -22.51
C GLY A 90 12.87 9.73 -22.84
N GLY A 91 11.73 9.49 -22.21
CA GLY A 91 10.55 10.31 -22.44
C GLY A 91 10.77 11.74 -22.00
N PHE A 92 11.48 11.92 -20.89
CA PHE A 92 11.77 13.26 -20.38
C PHE A 92 12.67 13.94 -21.40
N LEU A 93 13.66 13.20 -21.91
CA LEU A 93 14.59 13.73 -22.89
C LEU A 93 13.86 14.13 -24.17
N ALA A 94 12.96 13.26 -24.63
CA ALA A 94 12.23 13.55 -25.85
C ALA A 94 11.40 14.83 -25.72
N PHE A 95 10.62 14.91 -24.65
CA PHE A 95 9.76 16.06 -24.45
C PHE A 95 10.50 17.38 -24.33
N THR A 96 11.51 17.43 -23.47
CA THR A 96 12.28 18.66 -23.28
C THR A 96 13.19 18.99 -24.46
N SER A 97 13.42 18.01 -25.33
CA SER A 97 14.27 18.26 -26.49
C SER A 97 13.50 19.11 -27.48
N LEU A 98 12.18 19.09 -27.35
CA LEU A 98 11.29 19.84 -28.24
C LEU A 98 10.68 21.09 -27.63
N TRP A 99 10.19 21.01 -26.40
CA TRP A 99 9.58 22.16 -25.74
C TRP A 99 10.35 22.75 -24.57
N GLY A 100 11.52 22.19 -24.27
CA GLY A 100 12.26 22.70 -23.13
C GLY A 100 11.46 22.38 -21.88
N PHE A 101 11.83 22.96 -20.75
CA PHE A 101 11.10 22.71 -19.53
C PHE A 101 9.81 23.50 -19.60
N ASP A 102 8.75 22.86 -20.09
CA ASP A 102 7.46 23.51 -20.23
C ASP A 102 6.32 22.69 -19.63
N PRO A 103 6.07 22.87 -18.31
CA PRO A 103 5.01 22.15 -17.60
C PRO A 103 3.61 22.21 -18.22
N GLU A 104 3.20 23.38 -18.68
CA GLU A 104 1.86 23.55 -19.25
C GLU A 104 1.66 22.66 -20.47
N ILE A 105 2.66 22.59 -21.33
CA ILE A 105 2.54 21.77 -22.52
C ILE A 105 2.77 20.30 -22.17
N ALA A 106 3.73 20.05 -21.27
CA ALA A 106 4.06 18.70 -20.85
C ALA A 106 2.82 17.98 -20.36
N LYS A 107 1.92 18.74 -19.75
CA LYS A 107 0.69 18.20 -19.20
C LYS A 107 -0.34 17.89 -20.28
N THR A 108 0.00 18.14 -21.55
CA THR A 108 -0.92 17.87 -22.66
C THR A 108 -0.37 16.77 -23.56
N LYS A 109 0.83 16.32 -23.23
CA LYS A 109 1.49 15.27 -23.99
C LYS A 109 1.77 14.10 -23.06
N ILE A 110 1.83 12.91 -23.63
CA ILE A 110 2.13 11.68 -22.88
C ILE A 110 3.04 10.92 -23.84
N VAL A 111 4.17 10.42 -23.33
CA VAL A 111 5.12 9.70 -24.16
C VAL A 111 4.76 8.22 -24.13
N TYR A 112 4.56 7.66 -25.32
CA TYR A 112 4.15 6.28 -25.46
C TYR A 112 5.22 5.43 -26.15
N PHE A 113 5.57 4.28 -25.57
CA PHE A 113 6.55 3.44 -26.21
C PHE A 113 5.88 2.34 -27.02
N MET A 114 6.31 2.24 -28.27
CA MET A 114 5.76 1.30 -29.21
C MET A 114 6.55 0.00 -29.24
N THR A 115 7.86 0.09 -29.12
CA THR A 115 8.70 -1.09 -29.16
C THR A 115 9.84 -1.08 -28.13
N ILE A 116 10.35 -2.27 -27.84
CA ILE A 116 11.46 -2.46 -26.90
C ILE A 116 12.28 -3.60 -27.49
N ASP A 117 13.56 -3.35 -27.78
CA ASP A 117 14.42 -4.38 -28.33
C ASP A 117 15.76 -4.52 -27.63
N LYS A 118 16.46 -5.60 -27.98
CA LYS A 118 17.79 -5.90 -27.45
C LYS A 118 17.96 -5.66 -25.96
N VAL A 119 16.99 -6.10 -25.17
CA VAL A 119 17.08 -5.94 -23.74
C VAL A 119 17.92 -7.10 -23.24
N LYS A 120 18.84 -6.81 -22.34
CA LYS A 120 19.70 -7.84 -21.78
C LYS A 120 19.93 -7.50 -20.32
N PHE A 121 19.68 -8.46 -19.44
CA PHE A 121 19.90 -8.25 -18.02
C PHE A 121 21.21 -8.92 -17.67
N ARG A 122 22.14 -8.17 -17.09
CA ARG A 122 23.45 -8.70 -16.75
C ARG A 122 23.67 -8.89 -15.27
N ILE A 123 23.23 -7.92 -14.47
CA ILE A 123 23.42 -7.97 -13.03
C ILE A 123 22.15 -7.59 -12.26
N PRO A 124 21.81 -8.38 -11.24
CA PRO A 124 20.61 -8.06 -10.47
C PRO A 124 20.78 -6.78 -9.65
N VAL A 125 19.73 -5.95 -9.64
CA VAL A 125 19.73 -4.70 -8.88
C VAL A 125 19.05 -4.97 -7.54
N THR A 126 19.63 -4.44 -6.47
CA THR A 126 19.13 -4.66 -5.12
C THR A 126 19.09 -3.41 -4.24
N PRO A 127 18.36 -3.48 -3.11
CA PRO A 127 18.24 -2.34 -2.19
C PRO A 127 19.65 -1.84 -1.88
N GLY A 128 19.81 -0.52 -1.86
CA GLY A 128 21.12 0.04 -1.59
C GLY A 128 21.77 0.51 -2.89
N ASP A 129 21.31 -0.03 -4.02
CA ASP A 129 21.85 0.33 -5.33
C ASP A 129 21.34 1.67 -5.84
N ARG A 130 22.20 2.36 -6.58
CA ARG A 130 21.86 3.62 -7.21
C ARG A 130 21.74 3.24 -8.68
N LEU A 131 20.52 3.08 -9.16
CA LEU A 131 20.31 2.68 -10.55
C LEU A 131 20.37 3.87 -11.50
N GLU A 132 21.52 4.01 -12.16
CA GLU A 132 21.77 5.11 -13.09
C GLU A 132 21.41 4.79 -14.54
N TYR A 133 20.46 5.55 -15.10
CA TYR A 133 19.99 5.37 -16.47
C TYR A 133 20.81 6.19 -17.48
N HIS A 134 21.30 5.52 -18.52
CA HIS A 134 22.09 6.16 -19.57
C HIS A 134 21.41 5.96 -20.92
N LEU A 135 20.71 6.98 -21.40
CA LEU A 135 20.01 6.89 -22.68
C LEU A 135 20.53 7.88 -23.71
N GLU A 136 20.64 7.41 -24.94
CA GLU A 136 21.10 8.23 -26.05
C GLU A 136 20.08 8.16 -27.19
N VAL A 137 19.94 9.28 -27.90
CA VAL A 137 18.99 9.36 -29.01
C VAL A 137 19.55 8.75 -30.30
N LEU A 138 19.00 7.60 -30.70
CA LEU A 138 19.47 6.94 -31.90
C LEU A 138 18.82 7.55 -33.14
N LYS A 139 17.55 7.93 -33.01
CA LYS A 139 16.84 8.55 -34.12
C LYS A 139 15.57 9.25 -33.65
N HIS A 140 15.26 10.38 -34.28
CA HIS A 140 14.06 11.13 -33.93
C HIS A 140 13.66 11.96 -35.13
N LYS A 141 12.37 11.97 -35.44
CA LYS A 141 11.87 12.77 -36.57
C LYS A 141 10.95 13.84 -36.04
N GLY A 142 9.73 13.43 -35.69
CA GLY A 142 8.78 14.38 -35.18
C GLY A 142 8.50 14.06 -33.73
N MET A 143 7.47 13.26 -33.52
CA MET A 143 7.05 12.86 -32.19
C MET A 143 7.56 11.45 -31.97
N ILE A 144 8.26 10.93 -32.98
CA ILE A 144 8.82 9.59 -32.96
C ILE A 144 10.27 9.57 -32.49
N TRP A 145 10.51 8.96 -31.33
CA TRP A 145 11.86 8.89 -30.77
C TRP A 145 12.37 7.47 -30.52
N GLN A 146 13.58 7.21 -31.00
CA GLN A 146 14.23 5.91 -30.86
C GLN A 146 15.39 6.11 -29.90
N VAL A 147 15.37 5.44 -28.75
CA VAL A 147 16.46 5.59 -27.78
C VAL A 147 17.07 4.26 -27.36
N GLY A 148 18.35 4.32 -27.04
CA GLY A 148 19.07 3.12 -26.63
C GLY A 148 20.06 3.50 -25.55
N GLY A 149 20.41 2.52 -24.71
CA GLY A 149 21.34 2.81 -23.65
C GLY A 149 21.45 1.73 -22.61
N THR A 150 21.89 2.11 -21.42
CA THR A 150 22.08 1.17 -20.34
C THR A 150 21.62 1.69 -18.98
N ALA A 151 21.52 0.75 -18.05
CA ALA A 151 21.18 1.05 -16.66
C ALA A 151 22.47 0.61 -15.99
N GLN A 152 23.00 1.43 -15.09
CA GLN A 152 24.24 1.09 -14.43
C GLN A 152 24.22 1.27 -12.93
N VAL A 153 25.02 0.46 -12.24
CA VAL A 153 25.18 0.55 -10.81
C VAL A 153 26.69 0.54 -10.58
N ASP A 154 27.19 1.59 -9.94
CA ASP A 154 28.62 1.74 -9.66
C ASP A 154 29.49 1.63 -10.92
N GLY A 155 29.06 2.26 -12.00
CA GLY A 155 29.83 2.21 -13.23
C GLY A 155 29.72 0.93 -14.02
N LYS A 156 29.08 -0.09 -13.44
CA LYS A 156 28.91 -1.37 -14.13
C LYS A 156 27.55 -1.51 -14.81
N VAL A 157 27.54 -2.00 -16.04
CA VAL A 157 26.31 -2.19 -16.79
C VAL A 157 25.51 -3.32 -16.17
N VAL A 158 24.28 -3.04 -15.74
CA VAL A 158 23.44 -4.08 -15.15
C VAL A 158 22.37 -4.51 -16.13
N ALA A 159 22.12 -3.66 -17.13
CA ALA A 159 21.13 -3.95 -18.17
C ALA A 159 21.29 -2.98 -19.34
N GLU A 160 20.74 -3.37 -20.48
CA GLU A 160 20.79 -2.57 -21.71
C GLU A 160 19.49 -2.79 -22.49
N ALA A 161 19.04 -1.76 -23.18
CA ALA A 161 17.81 -1.86 -23.96
C ALA A 161 17.71 -0.80 -25.04
N GLU A 162 16.77 -1.02 -25.95
CA GLU A 162 16.48 -0.10 -27.05
C GLU A 162 14.97 0.05 -27.08
N LEU A 163 14.49 1.27 -27.25
CA LEU A 163 13.06 1.50 -27.28
C LEU A 163 12.69 2.61 -28.23
N LYS A 164 11.52 2.46 -28.85
CA LYS A 164 10.99 3.47 -29.75
C LYS A 164 9.75 3.99 -29.04
N ALA A 165 9.61 5.31 -28.98
CA ALA A 165 8.48 5.92 -28.30
C ALA A 165 7.78 6.92 -29.19
N MET A 166 6.56 7.24 -28.80
CA MET A 166 5.72 8.16 -29.53
C MET A 166 5.29 9.27 -28.59
N ILE A 167 5.51 10.52 -28.99
CA ILE A 167 5.08 11.66 -28.18
C ILE A 167 3.63 11.85 -28.58
N ALA A 168 2.70 11.41 -27.73
CA ALA A 168 1.29 11.52 -28.05
C ALA A 168 0.52 12.59 -27.28
N GLU A 169 -0.67 12.88 -27.80
CA GLU A 169 -1.57 13.85 -27.20
C GLU A 169 -2.25 13.13 -26.05
N ARG A 170 -2.37 13.79 -24.91
CA ARG A 170 -3.02 13.16 -23.77
C ARG A 170 -4.54 13.04 -23.99
N GLU A 171 -5.11 13.96 -24.77
CA GLU A 171 -6.54 13.92 -25.07
C GLU A 171 -6.82 14.05 -26.58
N GLN B 23 -5.37 -27.40 -16.59
CA GLN B 23 -5.64 -26.04 -16.08
C GLN B 23 -5.09 -25.88 -14.65
N PHE B 24 -4.52 -24.72 -14.35
CA PHE B 24 -4.00 -24.47 -13.02
C PHE B 24 -4.61 -23.20 -12.47
N PHE B 25 -4.95 -23.20 -11.18
CA PHE B 25 -5.54 -22.04 -10.58
C PHE B 25 -4.53 -21.32 -9.71
N ILE B 26 -4.91 -20.15 -9.21
CA ILE B 26 -4.02 -19.34 -8.40
C ILE B 26 -3.25 -20.15 -7.33
N GLU B 27 -3.92 -21.09 -6.66
CA GLU B 27 -3.27 -21.89 -5.62
C GLU B 27 -2.08 -22.67 -6.17
N HIS B 28 -2.27 -23.27 -7.35
CA HIS B 28 -1.22 -24.04 -8.01
C HIS B 28 -0.08 -23.12 -8.42
N ILE B 29 -0.43 -22.01 -9.04
CA ILE B 29 0.55 -21.01 -9.48
C ILE B 29 1.43 -20.60 -8.30
N LEU B 30 0.79 -20.27 -7.18
CA LEU B 30 1.49 -19.84 -5.96
C LEU B 30 2.52 -20.85 -5.42
N GLN B 31 2.34 -22.13 -5.76
CA GLN B 31 3.26 -23.17 -5.30
C GLN B 31 4.43 -23.38 -6.28
N ILE B 32 4.30 -22.84 -7.49
CA ILE B 32 5.34 -22.97 -8.48
C ILE B 32 6.19 -21.71 -8.59
N LEU B 33 5.54 -20.56 -8.65
CA LEU B 33 6.23 -19.29 -8.75
C LEU B 33 6.52 -18.68 -7.39
N PRO B 34 7.70 -18.06 -7.22
CA PRO B 34 8.07 -17.44 -5.95
C PRO B 34 7.47 -16.04 -5.84
N HIS B 35 7.06 -15.49 -6.98
CA HIS B 35 6.45 -14.14 -7.03
C HIS B 35 5.25 -14.01 -6.11
N ARG B 36 5.17 -12.88 -5.44
CA ARG B 36 4.05 -12.59 -4.55
C ARG B 36 3.58 -11.16 -4.80
N TYR B 37 2.54 -10.73 -4.10
CA TYR B 37 2.01 -9.38 -4.26
C TYR B 37 3.07 -8.32 -3.97
N PRO B 38 3.15 -7.29 -4.82
CA PRO B 38 2.30 -7.08 -5.99
C PRO B 38 3.03 -7.35 -7.31
N MET B 39 3.75 -8.48 -7.37
CA MET B 39 4.46 -8.82 -8.58
C MET B 39 4.13 -10.19 -9.20
N LEU B 40 3.06 -10.82 -8.72
CA LEU B 40 2.60 -12.10 -9.27
C LEU B 40 1.52 -11.69 -10.26
N LEU B 41 1.86 -11.73 -11.55
CA LEU B 41 0.94 -11.27 -12.57
C LEU B 41 0.26 -12.31 -13.47
N VAL B 42 0.03 -13.51 -12.94
CA VAL B 42 -0.66 -14.55 -13.68
C VAL B 42 -1.74 -15.09 -12.74
N ASP B 43 -3.00 -14.95 -13.11
CA ASP B 43 -4.10 -15.42 -12.27
C ASP B 43 -4.53 -16.86 -12.52
N ARG B 44 -4.40 -17.33 -13.76
CA ARG B 44 -4.83 -18.70 -14.06
C ARG B 44 -4.20 -19.23 -15.34
N ILE B 45 -3.98 -20.54 -15.39
CA ILE B 45 -3.41 -21.19 -16.55
C ILE B 45 -4.55 -22.01 -17.19
N THR B 46 -4.91 -21.70 -18.43
CA THR B 46 -6.00 -22.43 -19.07
C THR B 46 -5.53 -23.55 -19.98
N GLU B 47 -4.36 -23.38 -20.59
CA GLU B 47 -3.80 -24.38 -21.50
C GLU B 47 -2.31 -24.61 -21.27
N LEU B 48 -1.87 -25.86 -21.36
CA LEU B 48 -0.47 -26.19 -21.16
C LEU B 48 -0.03 -27.48 -21.84
N GLN B 49 0.88 -27.36 -22.81
CA GLN B 49 1.43 -28.50 -23.54
C GLN B 49 2.93 -28.51 -23.28
N ALA B 50 3.40 -29.52 -22.56
CA ALA B 50 4.82 -29.61 -22.21
C ALA B 50 5.75 -29.44 -23.41
N ASN B 51 6.81 -28.65 -23.21
CA ASN B 51 7.82 -28.38 -24.23
C ASN B 51 7.27 -27.61 -25.43
N GLN B 52 5.97 -27.38 -25.44
CA GLN B 52 5.32 -26.70 -26.56
C GLN B 52 4.77 -25.30 -26.33
N LYS B 53 3.65 -25.21 -25.64
CA LYS B 53 3.06 -23.90 -25.43
C LYS B 53 2.21 -23.78 -24.18
N ILE B 54 1.78 -22.55 -23.91
CA ILE B 54 0.96 -22.26 -22.76
C ILE B 54 0.03 -21.09 -23.05
N VAL B 55 -1.14 -21.14 -22.44
CA VAL B 55 -2.13 -20.09 -22.56
C VAL B 55 -2.56 -19.82 -21.12
N ALA B 56 -2.35 -18.60 -20.65
CA ALA B 56 -2.72 -18.23 -19.30
C ALA B 56 -3.26 -16.80 -19.36
N TYR B 57 -3.84 -16.33 -18.26
CA TYR B 57 -4.32 -14.96 -18.25
C TYR B 57 -4.25 -14.29 -16.89
N LYS B 58 -4.39 -12.97 -16.89
CA LYS B 58 -4.40 -12.17 -15.69
C LYS B 58 -5.54 -11.17 -15.88
N ASN B 59 -6.41 -11.09 -14.89
CA ASN B 59 -7.51 -10.14 -14.99
C ASN B 59 -6.98 -8.75 -14.68
N ILE B 60 -7.52 -7.74 -15.34
CA ILE B 60 -7.11 -6.36 -15.10
C ILE B 60 -8.33 -5.67 -14.52
N THR B 61 -8.16 -5.10 -13.33
CA THR B 61 -9.23 -4.42 -12.63
C THR B 61 -8.73 -3.07 -12.17
N PHE B 62 -9.64 -2.18 -11.80
CA PHE B 62 -9.23 -0.85 -11.35
C PHE B 62 -8.61 -0.94 -9.95
N ASN B 63 -9.03 -1.94 -9.19
CA ASN B 63 -8.57 -2.14 -7.83
C ASN B 63 -7.12 -2.64 -7.72
N GLU B 64 -6.25 -2.13 -8.58
CA GLU B 64 -4.85 -2.52 -8.54
C GLU B 64 -4.03 -1.26 -8.25
N ASP B 65 -3.10 -1.37 -7.29
CA ASP B 65 -2.29 -0.23 -6.89
C ASP B 65 -1.56 0.51 -8.02
N VAL B 66 -1.13 -0.21 -9.06
CA VAL B 66 -0.41 0.43 -10.17
C VAL B 66 -1.19 1.57 -10.82
N PHE B 67 -2.51 1.43 -10.89
CA PHE B 67 -3.32 2.44 -11.54
C PHE B 67 -3.34 3.78 -10.84
N ASN B 68 -2.89 3.82 -9.59
CA ASN B 68 -2.83 5.09 -8.89
C ASN B 68 -1.83 6.00 -9.60
N GLY B 69 -0.80 5.41 -10.20
CA GLY B 69 0.19 6.24 -10.87
C GLY B 69 0.40 6.03 -12.35
N HIS B 70 -0.42 5.20 -12.98
CA HIS B 70 -0.25 4.91 -14.38
C HIS B 70 -1.58 4.72 -15.11
N PHE B 71 -2.35 5.79 -15.30
CA PHE B 71 -1.99 7.13 -14.83
C PHE B 71 -3.22 7.72 -14.17
N PRO B 72 -3.03 8.72 -13.28
CA PRO B 72 -4.20 9.29 -12.64
C PRO B 72 -5.27 9.74 -13.65
N ASN B 73 -6.53 9.41 -13.36
CA ASN B 73 -7.64 9.75 -14.25
C ASN B 73 -7.47 9.18 -15.66
N LYS B 74 -6.65 8.13 -15.78
CA LYS B 74 -6.40 7.49 -17.08
C LYS B 74 -5.69 6.15 -16.86
N PRO B 75 -6.40 5.15 -16.34
CA PRO B 75 -5.82 3.82 -16.08
C PRO B 75 -5.36 2.97 -17.26
N ILE B 76 -4.04 2.79 -17.35
CA ILE B 76 -3.45 1.99 -18.41
C ILE B 76 -2.49 1.00 -17.77
N PHE B 77 -2.71 -0.29 -18.02
CA PHE B 77 -1.85 -1.32 -17.44
C PHE B 77 -0.50 -1.18 -18.11
N PRO B 78 0.57 -0.99 -17.32
CA PRO B 78 1.93 -0.85 -17.88
C PRO B 78 2.32 -1.92 -18.89
N GLY B 79 2.92 -1.50 -19.99
CA GLY B 79 3.35 -2.44 -21.01
C GLY B 79 4.45 -3.35 -20.50
N VAL B 80 5.33 -2.81 -19.65
CA VAL B 80 6.42 -3.61 -19.12
C VAL B 80 5.86 -4.72 -18.25
N LEU B 81 4.73 -4.47 -17.60
CA LEU B 81 4.11 -5.48 -16.76
C LEU B 81 3.44 -6.54 -17.60
N ILE B 82 3.03 -6.17 -18.82
CA ILE B 82 2.44 -7.16 -19.72
C ILE B 82 3.56 -8.13 -20.08
N VAL B 83 4.77 -7.58 -20.24
CA VAL B 83 5.93 -8.39 -20.56
C VAL B 83 6.31 -9.27 -19.36
N GLU B 84 6.20 -8.72 -18.16
CA GLU B 84 6.54 -9.46 -16.96
C GLU B 84 5.57 -10.64 -16.84
N GLY B 85 4.32 -10.41 -17.25
CA GLY B 85 3.30 -11.43 -17.21
C GLY B 85 3.61 -12.55 -18.20
N MET B 86 4.12 -12.16 -19.37
CA MET B 86 4.48 -13.16 -20.38
C MET B 86 5.69 -13.96 -19.92
N ALA B 87 6.60 -13.30 -19.22
CA ALA B 87 7.80 -13.95 -18.70
C ALA B 87 7.40 -15.02 -17.69
N GLN B 88 6.55 -14.62 -16.74
CA GLN B 88 6.08 -15.52 -15.71
C GLN B 88 5.38 -16.73 -16.32
N SER B 89 4.58 -16.51 -17.36
CA SER B 89 3.88 -17.60 -18.02
C SER B 89 4.90 -18.54 -18.68
N GLY B 90 5.88 -17.95 -19.35
CA GLY B 90 6.92 -18.73 -20.00
C GLY B 90 7.72 -19.54 -18.99
N GLY B 91 8.07 -18.91 -17.87
CA GLY B 91 8.81 -19.62 -16.84
C GLY B 91 8.00 -20.78 -16.30
N PHE B 92 6.70 -20.55 -16.11
CA PHE B 92 5.81 -21.59 -15.61
C PHE B 92 5.81 -22.75 -16.62
N LEU B 93 5.85 -22.38 -17.89
CA LEU B 93 5.87 -23.36 -18.98
C LEU B 93 7.16 -24.16 -18.93
N ALA B 94 8.29 -23.44 -18.89
CA ALA B 94 9.59 -24.10 -18.85
C ALA B 94 9.73 -25.01 -17.64
N PHE B 95 9.28 -24.55 -16.49
CA PHE B 95 9.39 -25.35 -15.28
C PHE B 95 8.54 -26.63 -15.30
N THR B 96 7.26 -26.49 -15.58
CA THR B 96 6.38 -27.65 -15.58
C THR B 96 6.71 -28.65 -16.68
N SER B 97 7.31 -28.19 -17.76
CA SER B 97 7.68 -29.09 -18.85
C SER B 97 8.76 -30.06 -18.37
N LEU B 98 9.67 -29.55 -17.54
CA LEU B 98 10.76 -30.34 -17.03
C LEU B 98 10.45 -31.17 -15.79
N TRP B 99 9.75 -30.56 -14.84
CA TRP B 99 9.44 -31.22 -13.58
C TRP B 99 7.98 -31.38 -13.23
N GLY B 100 7.06 -30.93 -14.09
CA GLY B 100 5.65 -31.06 -13.80
C GLY B 100 5.26 -30.21 -12.60
N PHE B 101 4.14 -30.54 -11.96
CA PHE B 101 3.70 -29.78 -10.81
C PHE B 101 4.43 -30.26 -9.56
N ASP B 102 5.62 -29.73 -9.32
CA ASP B 102 6.43 -30.14 -8.18
C ASP B 102 6.84 -28.94 -7.30
N PRO B 103 6.07 -28.65 -6.25
CA PRO B 103 6.36 -27.54 -5.34
C PRO B 103 7.74 -27.61 -4.67
N GLU B 104 8.15 -28.81 -4.27
CA GLU B 104 9.43 -28.97 -3.60
C GLU B 104 10.60 -28.59 -4.50
N ILE B 105 10.58 -29.07 -5.73
CA ILE B 105 11.64 -28.76 -6.68
C ILE B 105 11.54 -27.29 -7.08
N ALA B 106 10.32 -26.76 -7.14
CA ALA B 106 10.12 -25.39 -7.53
C ALA B 106 10.90 -24.46 -6.60
N LYS B 107 10.92 -24.79 -5.31
CA LYS B 107 11.63 -23.98 -4.33
C LYS B 107 13.16 -24.02 -4.46
N THR B 108 13.67 -25.04 -5.13
CA THR B 108 15.12 -25.21 -5.31
C THR B 108 15.62 -24.67 -6.65
N LYS B 109 14.71 -24.09 -7.42
CA LYS B 109 15.09 -23.55 -8.71
C LYS B 109 14.83 -22.07 -8.86
N ILE B 110 15.57 -21.46 -9.77
CA ILE B 110 15.40 -20.06 -10.07
C ILE B 110 15.26 -20.04 -11.58
N VAL B 111 14.44 -19.13 -12.07
CA VAL B 111 14.25 -18.98 -13.51
C VAL B 111 14.67 -17.54 -13.79
N TYR B 112 15.85 -17.39 -14.36
CA TYR B 112 16.42 -16.10 -14.66
C TYR B 112 16.22 -15.65 -16.11
N PHE B 113 15.59 -14.49 -16.30
CA PHE B 113 15.39 -13.99 -17.66
C PHE B 113 16.61 -13.21 -18.10
N MET B 114 17.29 -13.72 -19.11
CA MET B 114 18.49 -13.11 -19.64
C MET B 114 18.22 -12.02 -20.65
N THR B 115 17.35 -12.31 -21.61
CA THR B 115 17.02 -11.35 -22.65
C THR B 115 15.53 -11.26 -22.94
N ILE B 116 15.16 -10.18 -23.63
CA ILE B 116 13.80 -9.92 -24.06
C ILE B 116 14.00 -9.16 -25.37
N ASP B 117 13.26 -9.52 -26.40
CA ASP B 117 13.42 -8.84 -27.67
C ASP B 117 12.14 -8.92 -28.50
N LYS B 118 12.08 -8.09 -29.54
CA LYS B 118 10.93 -8.05 -30.44
C LYS B 118 9.64 -7.67 -29.74
N VAL B 119 9.72 -6.79 -28.75
CA VAL B 119 8.52 -6.38 -28.03
C VAL B 119 7.79 -5.28 -28.79
N LYS B 120 6.50 -5.48 -28.99
CA LYS B 120 5.67 -4.48 -29.68
C LYS B 120 4.34 -4.31 -28.94
N PHE B 121 3.92 -3.07 -28.78
CA PHE B 121 2.66 -2.78 -28.11
C PHE B 121 1.70 -2.20 -29.14
N ARG B 122 0.57 -2.89 -29.35
CA ARG B 122 -0.41 -2.45 -30.33
C ARG B 122 -1.63 -1.77 -29.72
N ILE B 123 -2.19 -2.39 -28.68
CA ILE B 123 -3.38 -1.86 -28.04
C ILE B 123 -3.22 -1.75 -26.53
N PRO B 124 -3.71 -0.65 -25.93
CA PRO B 124 -3.65 -0.39 -24.49
C PRO B 124 -4.57 -1.36 -23.74
N VAL B 125 -4.08 -1.88 -22.63
CA VAL B 125 -4.83 -2.81 -21.81
C VAL B 125 -5.35 -1.95 -20.66
N THR B 126 -6.65 -2.08 -20.36
CA THR B 126 -7.23 -1.28 -19.29
C THR B 126 -8.07 -2.12 -18.35
N PRO B 127 -8.48 -1.54 -17.22
CA PRO B 127 -9.31 -2.27 -16.26
C PRO B 127 -10.50 -2.87 -17.00
N GLY B 128 -10.85 -4.10 -16.66
CA GLY B 128 -11.97 -4.76 -17.31
C GLY B 128 -11.54 -5.78 -18.35
N ASP B 129 -10.28 -5.67 -18.78
CA ASP B 129 -9.74 -6.58 -19.78
C ASP B 129 -9.23 -7.85 -19.12
N ARG B 130 -9.32 -8.93 -19.89
CA ARG B 130 -8.80 -10.23 -19.47
C ARG B 130 -7.52 -10.34 -20.27
N LEU B 131 -6.38 -10.06 -19.63
CA LEU B 131 -5.09 -10.10 -20.32
C LEU B 131 -4.56 -11.54 -20.46
N GLU B 132 -4.81 -12.12 -21.63
CA GLU B 132 -4.43 -13.49 -21.96
C GLU B 132 -3.04 -13.62 -22.57
N TYR B 133 -2.21 -14.50 -21.99
CA TYR B 133 -0.85 -14.71 -22.46
C TYR B 133 -0.73 -15.98 -23.30
N HIS B 134 -0.12 -15.86 -24.48
CA HIS B 134 0.08 -17.02 -25.36
C HIS B 134 1.55 -17.14 -25.67
N LEU B 135 2.20 -18.11 -25.06
CA LEU B 135 3.63 -18.34 -25.26
C LEU B 135 3.91 -19.74 -25.78
N GLU B 136 4.88 -19.85 -26.68
CA GLU B 136 5.27 -21.15 -27.23
C GLU B 136 6.79 -21.26 -27.09
N VAL B 137 7.29 -22.49 -27.00
CA VAL B 137 8.73 -22.69 -26.88
C VAL B 137 9.37 -22.59 -28.27
N LEU B 138 10.19 -21.57 -28.48
CA LEU B 138 10.86 -21.39 -29.77
C LEU B 138 12.00 -22.39 -29.88
N LYS B 139 12.78 -22.52 -28.82
CA LYS B 139 13.90 -23.46 -28.79
C LYS B 139 14.42 -23.58 -27.35
N HIS B 140 14.96 -24.74 -27.01
CA HIS B 140 15.47 -24.96 -25.68
C HIS B 140 16.59 -25.99 -25.70
N LYS B 141 17.66 -25.70 -24.95
CA LYS B 141 18.80 -26.58 -24.85
C LYS B 141 19.27 -26.52 -23.40
N GLY B 142 19.25 -27.66 -22.74
CA GLY B 142 19.68 -27.70 -21.35
C GLY B 142 18.72 -26.84 -20.55
N MET B 143 19.29 -25.94 -19.75
CA MET B 143 18.47 -25.07 -18.91
C MET B 143 18.12 -23.74 -19.57
N ILE B 144 18.58 -23.53 -20.80
CA ILE B 144 18.30 -22.30 -21.54
C ILE B 144 17.02 -22.49 -22.35
N TRP B 145 16.02 -21.65 -22.09
CA TRP B 145 14.74 -21.76 -22.78
C TRP B 145 14.29 -20.44 -23.41
N GLN B 146 13.95 -20.49 -24.69
CA GLN B 146 13.48 -19.31 -25.40
C GLN B 146 12.01 -19.46 -25.74
N VAL B 147 11.20 -18.54 -25.23
CA VAL B 147 9.77 -18.56 -25.49
C VAL B 147 9.35 -17.31 -26.24
N GLY B 148 8.23 -17.38 -26.94
CA GLY B 148 7.75 -16.23 -27.69
C GLY B 148 6.25 -16.31 -27.87
N GLY B 149 5.63 -15.17 -28.20
CA GLY B 149 4.20 -15.18 -28.40
C GLY B 149 3.55 -13.83 -28.26
N THR B 150 2.30 -13.85 -27.80
CA THR B 150 1.56 -12.60 -27.67
C THR B 150 0.74 -12.49 -26.42
N ALA B 151 0.16 -11.32 -26.25
CA ALA B 151 -0.72 -11.02 -25.14
C ALA B 151 -1.98 -10.60 -25.90
N GLN B 152 -3.12 -11.12 -25.49
CA GLN B 152 -4.37 -10.83 -26.19
C GLN B 152 -5.53 -10.47 -25.28
N VAL B 153 -6.44 -9.68 -25.84
CA VAL B 153 -7.63 -9.28 -25.14
C VAL B 153 -8.78 -9.50 -26.12
N ASP B 154 -9.67 -10.42 -25.78
CA ASP B 154 -10.80 -10.73 -26.63
C ASP B 154 -10.38 -11.06 -28.07
N GLY B 155 -9.40 -11.94 -28.22
CA GLY B 155 -8.97 -12.36 -29.54
C GLY B 155 -7.99 -11.50 -30.34
N LYS B 156 -7.77 -10.25 -29.93
CA LYS B 156 -6.85 -9.37 -30.66
C LYS B 156 -5.50 -9.30 -29.95
N VAL B 157 -4.44 -9.18 -30.74
CA VAL B 157 -3.08 -9.08 -30.21
C VAL B 157 -2.84 -7.67 -29.68
N VAL B 158 -2.65 -7.53 -28.36
CA VAL B 158 -2.39 -6.22 -27.78
C VAL B 158 -0.90 -6.01 -27.61
N ALA B 159 -0.15 -7.12 -27.60
CA ALA B 159 1.30 -7.07 -27.46
C ALA B 159 1.95 -8.36 -27.93
N GLU B 160 3.28 -8.29 -28.13
CA GLU B 160 4.05 -9.45 -28.55
C GLU B 160 5.46 -9.31 -28.03
N ALA B 161 6.16 -10.44 -27.90
CA ALA B 161 7.51 -10.41 -27.40
C ALA B 161 8.13 -11.79 -27.41
N GLU B 162 9.45 -11.82 -27.30
CA GLU B 162 10.24 -13.04 -27.26
C GLU B 162 11.13 -12.89 -26.03
N LEU B 163 11.33 -13.97 -25.30
CA LEU B 163 12.15 -13.90 -24.12
C LEU B 163 13.01 -15.14 -23.99
N LYS B 164 14.14 -15.00 -23.31
CA LYS B 164 15.03 -16.11 -23.09
C LYS B 164 15.34 -16.21 -21.61
N ALA B 165 15.16 -17.41 -21.06
CA ALA B 165 15.39 -17.64 -19.66
C ALA B 165 16.38 -18.75 -19.41
N MET B 166 17.00 -18.70 -18.23
CA MET B 166 17.92 -19.74 -17.81
C MET B 166 17.42 -20.24 -16.45
N ILE B 167 17.27 -21.55 -16.32
CA ILE B 167 16.83 -22.13 -15.06
C ILE B 167 18.08 -22.61 -14.32
N ALA B 168 18.15 -22.32 -13.03
CA ALA B 168 19.31 -22.67 -12.23
C ALA B 168 18.95 -23.01 -10.79
N GLU B 169 19.94 -23.47 -10.03
CA GLU B 169 19.74 -23.82 -8.62
C GLU B 169 19.67 -22.56 -7.76
N ARG B 170 18.66 -22.52 -6.90
CA ARG B 170 18.44 -21.37 -6.01
C ARG B 170 19.63 -21.10 -5.08
N GLU B 171 19.54 -19.99 -4.36
CA GLU B 171 20.57 -19.55 -3.42
C GLU B 171 21.44 -20.70 -2.95
N GLN C 21 -13.09 27.75 17.08
CA GLN C 21 -13.77 26.54 17.63
C GLN C 21 -12.93 25.94 18.76
N SER C 22 -13.46 24.88 19.39
CA SER C 22 -12.75 24.20 20.46
C SER C 22 -12.49 22.76 20.04
N GLN C 23 -13.41 22.19 19.25
CA GLN C 23 -13.29 20.81 18.77
C GLN C 23 -13.27 20.79 17.25
N PHE C 24 -12.26 20.16 16.66
CA PHE C 24 -12.16 20.07 15.21
C PHE C 24 -12.09 18.61 14.77
N PHE C 25 -12.89 18.26 13.77
CA PHE C 25 -12.88 16.88 13.28
C PHE C 25 -11.90 16.68 12.12
N ILE C 26 -11.74 15.43 11.69
CA ILE C 26 -10.80 15.11 10.62
C ILE C 26 -10.98 16.04 9.41
N GLU C 27 -12.24 16.37 9.13
CA GLU C 27 -12.59 17.26 8.02
C GLU C 27 -11.87 18.61 8.11
N HIS C 28 -11.83 19.17 9.31
CA HIS C 28 -11.19 20.45 9.55
C HIS C 28 -9.68 20.30 9.56
N ILE C 29 -9.20 19.24 10.18
CA ILE C 29 -7.77 18.97 10.26
C ILE C 29 -7.20 18.87 8.84
N LEU C 30 -7.98 18.29 7.94
CA LEU C 30 -7.54 18.14 6.56
C LEU C 30 -7.37 19.48 5.85
N GLN C 31 -8.17 20.46 6.21
CA GLN C 31 -8.08 21.77 5.58
C GLN C 31 -6.98 22.63 6.20
N ILE C 32 -6.45 22.22 7.34
CA ILE C 32 -5.41 23.00 7.98
C ILE C 32 -4.01 22.42 7.81
N LEU C 33 -3.89 21.10 8.00
CA LEU C 33 -2.60 20.43 7.85
C LEU C 33 -2.39 19.97 6.42
N PRO C 34 -1.15 20.08 5.91
CA PRO C 34 -0.83 19.66 4.55
C PRO C 34 -0.65 18.14 4.50
N HIS C 35 -0.38 17.53 5.66
CA HIS C 35 -0.19 16.09 5.76
C HIS C 35 -1.36 15.26 5.21
N ARG C 36 -1.04 14.17 4.57
CA ARG C 36 -2.05 13.27 4.01
C ARG C 36 -1.64 11.83 4.31
N TYR C 37 -2.45 10.87 3.87
CA TYR C 37 -2.14 9.47 4.11
C TYR C 37 -0.82 9.10 3.43
N PRO C 38 0.04 8.32 4.11
CA PRO C 38 -0.10 7.75 5.46
C PRO C 38 0.69 8.53 6.53
N MET C 39 0.72 9.85 6.42
CA MET C 39 1.46 10.64 7.40
C MET C 39 0.63 11.67 8.17
N LEU C 40 -0.69 11.59 8.05
CA LEU C 40 -1.55 12.50 8.82
C LEU C 40 -1.87 11.68 10.07
N LEU C 41 -1.25 12.05 11.19
CA LEU C 41 -1.39 11.31 12.42
C LEU C 41 -2.20 11.93 13.55
N VAL C 42 -3.21 12.71 13.21
CA VAL C 42 -4.10 13.33 14.18
C VAL C 42 -5.50 13.16 13.63
N ASP C 43 -6.37 12.50 14.37
CA ASP C 43 -7.74 12.24 13.92
C ASP C 43 -8.81 13.23 14.37
N ARG C 44 -8.62 13.82 15.53
CA ARG C 44 -9.61 14.76 16.06
C ARG C 44 -8.99 15.67 17.13
N ILE C 45 -9.51 16.89 17.23
CA ILE C 45 -9.04 17.87 18.21
C ILE C 45 -10.16 18.05 19.24
N THR C 46 -9.92 17.67 20.49
CA THR C 46 -10.95 17.80 21.52
C THR C 46 -10.88 19.06 22.37
N GLU C 47 -9.67 19.62 22.52
CA GLU C 47 -9.44 20.85 23.27
C GLU C 47 -8.46 21.76 22.54
N LEU C 48 -8.70 23.06 22.58
CA LEU C 48 -7.82 24.02 21.92
C LEU C 48 -7.91 25.41 22.55
N GLN C 49 -6.82 25.85 23.15
CA GLN C 49 -6.76 27.16 23.77
C GLN C 49 -5.66 27.97 23.09
N ALA C 50 -6.07 28.93 22.26
CA ALA C 50 -5.13 29.78 21.54
C ALA C 50 -3.94 30.23 22.39
N ASN C 51 -2.75 30.05 21.84
CA ASN C 51 -1.50 30.43 22.50
C ASN C 51 -1.17 29.70 23.78
N GLN C 52 -2.02 28.76 24.19
CA GLN C 52 -1.77 28.04 25.44
C GLN C 52 -1.58 26.53 25.32
N LYS C 53 -2.58 25.81 24.82
CA LYS C 53 -2.45 24.36 24.72
C LYS C 53 -3.43 23.72 23.76
N ILE C 54 -3.26 22.43 23.55
CA ILE C 54 -4.15 21.68 22.66
C ILE C 54 -4.22 20.23 23.12
N VAL C 55 -5.40 19.65 22.98
CA VAL C 55 -5.60 18.25 23.32
C VAL C 55 -6.27 17.67 22.08
N ALA C 56 -5.64 16.67 21.51
CA ALA C 56 -6.18 16.01 20.34
C ALA C 56 -5.76 14.55 20.45
N TYR C 57 -6.22 13.73 19.52
CA TYR C 57 -5.86 12.32 19.55
C TYR C 57 -5.93 11.64 18.19
N LYS C 58 -5.33 10.46 18.14
CA LYS C 58 -5.31 9.62 16.96
C LYS C 58 -5.62 8.21 17.45
N ASN C 59 -6.54 7.52 16.78
CA ASN C 59 -6.85 6.16 17.17
C ASN C 59 -5.76 5.25 16.61
N ILE C 60 -5.52 4.16 17.31
CA ILE C 60 -4.52 3.18 16.92
C ILE C 60 -5.27 1.88 16.62
N THR C 61 -5.20 1.42 15.37
CA THR C 61 -5.88 0.21 14.94
C THR C 61 -4.92 -0.72 14.21
N PHE C 62 -5.22 -2.02 14.19
CA PHE C 62 -4.35 -2.95 13.50
C PHE C 62 -4.34 -2.67 11.99
N ASN C 63 -5.48 -2.19 11.47
CA ASN C 63 -5.62 -1.91 10.06
C ASN C 63 -4.77 -0.73 9.56
N GLU C 64 -3.55 -0.59 10.07
CA GLU C 64 -2.64 0.46 9.64
C GLU C 64 -1.40 -0.20 9.02
N ASP C 65 -0.98 0.28 7.86
CA ASP C 65 0.18 -0.30 7.15
C ASP C 65 1.44 -0.49 8.01
N VAL C 66 1.81 0.51 8.79
CA VAL C 66 3.00 0.42 9.65
C VAL C 66 3.10 -0.84 10.49
N PHE C 67 1.97 -1.40 10.91
CA PHE C 67 2.02 -2.61 11.73
C PHE C 67 2.50 -3.83 10.94
N ASN C 68 2.53 -3.73 9.62
CA ASN C 68 3.02 -4.85 8.82
C ASN C 68 4.49 -5.11 9.13
N GLY C 69 5.24 -4.05 9.45
CA GLY C 69 6.64 -4.23 9.73
C GLY C 69 7.16 -3.76 11.07
N HIS C 70 6.28 -3.46 12.01
CA HIS C 70 6.73 -2.99 13.32
C HIS C 70 5.81 -3.46 14.45
N PHE C 71 5.85 -4.74 14.81
CA PHE C 71 6.71 -5.76 14.22
C PHE C 71 5.80 -6.94 13.90
N PRO C 72 6.16 -7.78 12.92
CA PRO C 72 5.30 -8.93 12.61
C PRO C 72 5.00 -9.72 13.90
N ASN C 73 3.73 -10.07 14.10
CA ASN C 73 3.27 -10.79 15.29
C ASN C 73 3.41 -10.01 16.60
N LYS C 74 3.69 -8.72 16.52
CA LYS C 74 3.81 -7.89 17.73
C LYS C 74 3.62 -6.44 17.30
N PRO C 75 2.37 -6.04 17.07
CA PRO C 75 2.06 -4.67 16.65
C PRO C 75 2.29 -3.63 17.74
N ILE C 76 3.28 -2.79 17.51
CA ILE C 76 3.65 -1.73 18.43
C ILE C 76 3.78 -0.42 17.63
N PHE C 77 2.90 0.54 17.91
CA PHE C 77 2.93 1.81 17.21
C PHE C 77 4.33 2.40 17.39
N PRO C 78 4.97 2.81 16.30
CA PRO C 78 6.32 3.38 16.40
C PRO C 78 6.42 4.63 17.28
N GLY C 79 7.44 4.63 18.14
CA GLY C 79 7.67 5.76 19.04
C GLY C 79 7.91 7.05 18.30
N VAL C 80 8.63 7.00 17.18
CA VAL C 80 8.91 8.20 16.40
C VAL C 80 7.64 8.79 15.81
N LEU C 81 6.62 7.96 15.62
CA LEU C 81 5.36 8.44 15.07
C LEU C 81 4.51 9.08 16.17
N ILE C 82 4.75 8.72 17.42
CA ILE C 82 4.01 9.34 18.53
C ILE C 82 4.50 10.79 18.59
N VAL C 83 5.82 10.97 18.48
CA VAL C 83 6.38 12.32 18.50
C VAL C 83 5.88 13.11 17.29
N GLU C 84 5.75 12.43 16.16
CA GLU C 84 5.26 13.08 14.95
C GLU C 84 3.86 13.61 15.18
N GLY C 85 3.00 12.77 15.76
CA GLY C 85 1.63 13.17 16.03
C GLY C 85 1.62 14.36 16.98
N MET C 86 2.52 14.34 17.95
CA MET C 86 2.64 15.42 18.91
C MET C 86 3.06 16.68 18.16
N ALA C 87 4.01 16.54 17.25
CA ALA C 87 4.47 17.68 16.46
C ALA C 87 3.31 18.23 15.63
N GLN C 88 2.56 17.34 14.99
CA GLN C 88 1.44 17.76 14.18
C GLN C 88 0.43 18.53 15.03
N SER C 89 0.22 18.08 16.25
CA SER C 89 -0.72 18.77 17.14
C SER C 89 -0.17 20.14 17.51
N GLY C 90 1.13 20.22 17.78
CA GLY C 90 1.73 21.49 18.10
C GLY C 90 1.52 22.45 16.94
N GLY C 91 1.84 21.98 15.73
CA GLY C 91 1.68 22.79 14.54
C GLY C 91 0.28 23.35 14.37
N PHE C 92 -0.74 22.52 14.61
CA PHE C 92 -2.12 22.96 14.48
C PHE C 92 -2.36 24.07 15.50
N LEU C 93 -1.88 23.84 16.72
CA LEU C 93 -2.01 24.81 17.81
C LEU C 93 -1.41 26.15 17.39
N ALA C 94 -0.15 26.10 16.94
CA ALA C 94 0.54 27.31 16.51
C ALA C 94 -0.23 28.01 15.39
N PHE C 95 -0.52 27.29 14.31
CA PHE C 95 -1.23 27.90 13.19
C PHE C 95 -2.56 28.54 13.56
N THR C 96 -3.43 27.78 14.23
CA THR C 96 -4.72 28.30 14.63
C THR C 96 -4.59 29.51 15.56
N SER C 97 -3.54 29.53 16.37
CA SER C 97 -3.30 30.65 17.29
C SER C 97 -2.99 31.93 16.52
N LEU C 98 -2.29 31.81 15.40
CA LEU C 98 -1.94 32.96 14.58
C LEU C 98 -3.08 33.45 13.68
N TRP C 99 -3.73 32.52 12.98
CA TRP C 99 -4.80 32.88 12.05
C TRP C 99 -6.15 32.21 12.24
N GLY C 100 -6.27 31.36 13.26
CA GLY C 100 -7.54 30.69 13.48
C GLY C 100 -7.77 29.65 12.39
N PHE C 101 -8.99 29.16 12.28
CA PHE C 101 -9.32 28.16 11.27
C PHE C 101 -9.42 28.82 9.90
N ASP C 102 -8.28 28.97 9.23
CA ASP C 102 -8.24 29.60 7.91
C ASP C 102 -7.52 28.72 6.88
N PRO C 103 -8.27 27.84 6.19
CA PRO C 103 -7.73 26.93 5.16
C PRO C 103 -6.94 27.63 4.07
N GLU C 104 -7.44 28.78 3.65
CA GLU C 104 -6.81 29.57 2.61
C GLU C 104 -5.39 30.00 2.99
N ILE C 105 -5.24 30.61 4.16
CA ILE C 105 -3.93 31.04 4.61
C ILE C 105 -3.08 29.80 4.94
N ALA C 106 -3.74 28.76 5.45
CA ALA C 106 -3.04 27.53 5.81
C ALA C 106 -2.18 26.98 4.68
N LYS C 107 -2.66 27.10 3.45
CA LYS C 107 -1.96 26.60 2.26
C LYS C 107 -0.69 27.37 1.94
N THR C 108 -0.52 28.56 2.53
CA THR C 108 0.66 29.37 2.24
C THR C 108 1.71 29.31 3.34
N LYS C 109 1.55 28.40 4.29
CA LYS C 109 2.51 28.28 5.40
C LYS C 109 3.09 26.89 5.57
N ILE C 110 4.24 26.84 6.25
CA ILE C 110 4.87 25.57 6.58
C ILE C 110 5.34 25.68 8.03
N VAL C 111 5.18 24.60 8.79
CA VAL C 111 5.62 24.56 10.18
C VAL C 111 6.85 23.66 10.22
N TYR C 112 8.00 24.27 9.99
CA TYR C 112 9.28 23.57 9.96
C TYR C 112 9.79 23.27 11.37
N PHE C 113 9.96 21.99 11.69
CA PHE C 113 10.46 21.62 13.02
C PHE C 113 11.98 21.57 13.00
N MET C 114 12.60 22.31 13.92
CA MET C 114 14.06 22.38 13.98
C MET C 114 14.68 21.41 14.97
N THR C 115 14.04 21.25 16.13
CA THR C 115 14.57 20.37 17.15
C THR C 115 13.51 19.64 17.94
N ILE C 116 13.92 18.50 18.49
CA ILE C 116 13.07 17.66 19.31
C ILE C 116 13.96 17.35 20.50
N ASP C 117 13.41 17.42 21.71
CA ASP C 117 14.22 17.20 22.89
C ASP C 117 13.47 16.53 24.02
N LYS C 118 14.23 15.98 24.96
CA LYS C 118 13.70 15.33 26.16
C LYS C 118 12.51 14.42 25.91
N VAL C 119 12.62 13.50 24.96
CA VAL C 119 11.51 12.60 24.73
C VAL C 119 11.79 11.29 25.45
N LYS C 120 10.80 10.80 26.18
CA LYS C 120 10.91 9.54 26.92
C LYS C 120 9.68 8.71 26.62
N PHE C 121 9.86 7.42 26.38
CA PHE C 121 8.74 6.52 26.13
C PHE C 121 8.57 5.67 27.39
N ARG C 122 7.37 5.65 27.93
CA ARG C 122 7.10 4.90 29.17
C ARG C 122 6.30 3.63 28.94
N ILE C 123 5.24 3.73 28.15
CA ILE C 123 4.39 2.58 27.88
C ILE C 123 4.16 2.39 26.38
N PRO C 124 4.41 1.20 25.85
CA PRO C 124 4.21 0.99 24.42
C PRO C 124 2.75 1.24 24.04
N VAL C 125 2.53 1.65 22.80
CA VAL C 125 1.21 1.94 22.27
C VAL C 125 0.86 0.82 21.30
N THR C 126 -0.34 0.26 21.45
CA THR C 126 -0.75 -0.86 20.61
C THR C 126 -2.14 -0.71 20.04
N PRO C 127 -2.47 -1.47 18.98
CA PRO C 127 -3.79 -1.42 18.37
C PRO C 127 -4.87 -1.48 19.44
N GLY C 128 -5.84 -0.58 19.34
CA GLY C 128 -6.90 -0.54 20.34
C GLY C 128 -6.73 0.65 21.26
N ASP C 129 -5.54 1.22 21.27
CA ASP C 129 -5.25 2.39 22.11
C ASP C 129 -5.75 3.68 21.50
N ARG C 130 -6.07 4.65 22.36
CA ARG C 130 -6.51 5.97 21.95
C ARG C 130 -5.33 6.84 22.36
N LEU C 131 -4.52 7.24 21.38
CA LEU C 131 -3.34 8.05 21.66
C LEU C 131 -3.72 9.52 21.74
N GLU C 132 -3.73 10.03 22.97
CA GLU C 132 -4.11 11.43 23.21
C GLU C 132 -2.88 12.33 23.37
N TYR C 133 -2.78 13.33 22.50
CA TYR C 133 -1.66 14.28 22.51
C TYR C 133 -1.95 15.47 23.42
N HIS C 134 -1.05 15.74 24.35
CA HIS C 134 -1.22 16.87 25.25
C HIS C 134 -0.06 17.82 25.07
N LEU C 135 -0.27 18.91 24.35
CA LEU C 135 0.81 19.87 24.13
C LEU C 135 0.48 21.26 24.62
N GLU C 136 1.52 22.03 24.95
CA GLU C 136 1.34 23.39 25.45
C GLU C 136 2.49 24.26 24.94
N VAL C 137 2.23 25.55 24.75
CA VAL C 137 3.28 26.45 24.27
C VAL C 137 4.26 26.72 25.42
N LEU C 138 5.54 26.43 25.20
CA LEU C 138 6.56 26.66 26.22
C LEU C 138 7.20 28.01 25.98
N LYS C 139 7.22 28.43 24.72
CA LYS C 139 7.81 29.71 24.37
C LYS C 139 7.43 30.07 22.94
N HIS C 140 7.16 31.36 22.73
CA HIS C 140 6.82 31.85 21.41
C HIS C 140 7.48 33.21 21.22
N LYS C 141 8.45 33.25 20.32
CA LYS C 141 9.17 34.49 20.02
C LYS C 141 9.30 34.61 18.50
N GLY C 142 8.57 35.55 17.93
CA GLY C 142 8.65 35.74 16.49
C GLY C 142 8.10 34.55 15.73
N MET C 143 8.87 34.07 14.75
CA MET C 143 8.43 32.94 13.95
C MET C 143 8.81 31.60 14.57
N ILE C 144 9.33 31.64 15.80
CA ILE C 144 9.76 30.42 16.49
C ILE C 144 8.81 29.99 17.61
N TRP C 145 8.31 28.76 17.50
CA TRP C 145 7.41 28.21 18.49
C TRP C 145 8.03 27.01 19.18
N GLN C 146 7.97 27.00 20.51
CA GLN C 146 8.52 25.90 21.30
C GLN C 146 7.35 25.27 22.03
N VAL C 147 7.13 23.98 21.78
CA VAL C 147 6.03 23.28 22.41
C VAL C 147 6.48 22.02 23.13
N GLY C 148 5.75 21.65 24.18
CA GLY C 148 6.12 20.46 24.93
C GLY C 148 4.90 19.80 25.53
N GLY C 149 5.06 18.56 25.96
CA GLY C 149 3.92 17.88 26.54
C GLY C 149 4.06 16.38 26.59
N THR C 150 2.92 15.68 26.57
CA THR C 150 2.90 14.24 26.66
C THR C 150 1.88 13.56 25.76
N ALA C 151 2.06 12.26 25.62
CA ALA C 151 1.16 11.43 24.84
C ALA C 151 0.53 10.56 25.93
N GLN C 152 -0.79 10.43 25.93
CA GLN C 152 -1.44 9.64 26.97
C GLN C 152 -2.45 8.63 26.43
N VAL C 153 -2.56 7.51 27.14
CA VAL C 153 -3.52 6.49 26.78
C VAL C 153 -4.25 6.16 28.07
N ASP C 154 -5.56 6.39 28.08
CA ASP C 154 -6.38 6.13 29.24
C ASP C 154 -5.86 6.79 30.53
N GLY C 155 -5.53 8.07 30.44
CA GLY C 155 -5.05 8.81 31.60
C GLY C 155 -3.60 8.60 31.97
N LYS C 156 -2.95 7.59 31.39
CA LYS C 156 -1.56 7.32 31.71
C LYS C 156 -0.59 7.94 30.73
N VAL C 157 0.46 8.56 31.26
CA VAL C 157 1.48 9.16 30.43
C VAL C 157 2.25 8.04 29.69
N VAL C 158 2.14 8.06 28.38
CA VAL C 158 2.80 7.07 27.54
C VAL C 158 4.12 7.59 26.96
N ALA C 159 4.20 8.91 26.78
CA ALA C 159 5.41 9.51 26.24
C ALA C 159 5.40 11.01 26.49
N GLU C 160 6.58 11.60 26.48
CA GLU C 160 6.70 13.03 26.67
C GLU C 160 7.75 13.51 25.71
N ALA C 161 7.72 14.80 25.38
CA ALA C 161 8.68 15.37 24.45
C ALA C 161 8.55 16.87 24.33
N GLU C 162 9.64 17.51 23.92
CA GLU C 162 9.66 18.94 23.71
C GLU C 162 10.05 19.12 22.25
N LEU C 163 9.44 20.12 21.60
CA LEU C 163 9.73 20.37 20.19
C LEU C 163 9.77 21.86 19.89
N LYS C 164 10.54 22.23 18.87
CA LYS C 164 10.66 23.61 18.47
C LYS C 164 10.48 23.70 16.98
N ALA C 165 9.61 24.60 16.55
CA ALA C 165 9.34 24.77 15.13
C ALA C 165 9.45 26.22 14.73
N MET C 166 9.59 26.45 13.42
CA MET C 166 9.67 27.78 12.85
C MET C 166 8.51 27.96 11.86
N ILE C 167 7.77 29.05 11.98
CA ILE C 167 6.69 29.30 11.04
C ILE C 167 7.33 30.00 9.85
N ALA C 168 7.00 29.57 8.65
CA ALA C 168 7.57 30.18 7.45
C ALA C 168 6.60 30.16 6.27
N GLU C 169 7.05 30.76 5.17
CA GLU C 169 6.27 30.86 3.94
C GLU C 169 6.35 29.60 3.08
N ARG C 170 5.21 29.03 2.72
CA ARG C 170 5.27 27.83 1.88
C ARG C 170 5.79 28.23 0.51
N GLU C 171 6.66 27.41 -0.07
CA GLU C 171 7.22 27.67 -1.38
C GLU C 171 6.95 26.48 -2.30
N LEU D 20 33.16 -11.49 12.37
CA LEU D 20 32.18 -10.41 11.99
C LEU D 20 32.82 -9.46 11.00
N GLN D 21 32.17 -9.29 9.84
CA GLN D 21 32.70 -8.39 8.81
C GLN D 21 32.34 -6.94 9.11
N SER D 22 32.43 -6.08 8.09
CA SER D 22 32.12 -4.66 8.26
C SER D 22 31.20 -4.14 7.16
N GLN D 23 30.82 -5.03 6.23
CA GLN D 23 29.93 -4.69 5.14
C GLN D 23 28.82 -5.73 5.15
N PHE D 24 27.58 -5.29 5.31
CA PHE D 24 26.46 -6.21 5.33
C PHE D 24 25.39 -5.67 4.39
N PHE D 25 24.72 -6.57 3.70
CA PHE D 25 23.69 -6.16 2.77
C PHE D 25 22.30 -6.40 3.33
N ILE D 26 21.29 -5.97 2.58
CA ILE D 26 19.90 -6.10 3.02
C ILE D 26 19.49 -7.51 3.44
N GLU D 27 19.98 -8.51 2.73
CA GLU D 27 19.68 -9.91 3.06
C GLU D 27 20.14 -10.22 4.49
N HIS D 28 21.25 -9.60 4.88
CA HIS D 28 21.82 -9.79 6.21
C HIS D 28 21.02 -9.00 7.25
N ILE D 29 20.76 -7.73 6.93
CA ILE D 29 20.00 -6.86 7.81
C ILE D 29 18.66 -7.53 8.13
N LEU D 30 18.06 -8.13 7.10
CA LEU D 30 16.78 -8.82 7.19
C LEU D 30 16.84 -9.97 8.21
N GLN D 31 17.99 -10.62 8.29
CA GLN D 31 18.19 -11.74 9.21
C GLN D 31 18.56 -11.30 10.62
N ILE D 32 18.80 -10.01 10.81
CA ILE D 32 19.18 -9.50 12.12
C ILE D 32 18.10 -8.66 12.79
N LEU D 33 17.71 -7.57 12.14
CA LEU D 33 16.68 -6.68 12.67
C LEU D 33 15.30 -7.28 12.47
N PRO D 34 14.37 -7.02 13.40
CA PRO D 34 13.00 -7.55 13.28
C PRO D 34 12.13 -6.68 12.38
N HIS D 35 12.59 -5.47 12.09
CA HIS D 35 11.83 -4.56 11.25
C HIS D 35 11.54 -5.10 9.86
N ARG D 36 10.34 -4.81 9.36
CA ARG D 36 9.93 -5.21 8.03
C ARG D 36 9.21 -4.05 7.34
N TYR D 37 8.90 -4.22 6.07
CA TYR D 37 8.21 -3.18 5.30
C TYR D 37 6.90 -2.86 6.00
N PRO D 38 6.54 -1.57 6.11
CA PRO D 38 7.26 -0.39 5.64
C PRO D 38 8.01 0.34 6.74
N MET D 39 8.70 -0.40 7.62
CA MET D 39 9.45 0.22 8.69
C MET D 39 10.92 -0.23 8.84
N LEU D 40 11.46 -0.85 7.81
CA LEU D 40 12.87 -1.25 7.82
C LEU D 40 13.51 -0.13 7.00
N LEU D 41 14.19 0.79 7.68
CA LEU D 41 14.75 1.94 7.01
C LEU D 41 16.27 2.02 6.89
N VAL D 42 16.91 0.85 6.82
CA VAL D 42 18.35 0.76 6.65
C VAL D 42 18.51 -0.24 5.51
N ASP D 43 19.19 0.15 4.45
CA ASP D 43 19.36 -0.74 3.29
C ASP D 43 20.67 -1.49 3.23
N ARG D 44 21.73 -0.91 3.80
CA ARG D 44 23.05 -1.53 3.73
C ARG D 44 23.96 -0.98 4.84
N ILE D 45 24.87 -1.83 5.32
CA ILE D 45 25.83 -1.43 6.37
C ILE D 45 27.21 -1.32 5.71
N THR D 46 27.86 -0.17 5.80
CA THR D 46 29.18 -0.02 5.18
C THR D 46 30.36 -0.11 6.14
N GLU D 47 30.11 0.14 7.42
CA GLU D 47 31.16 0.09 8.44
C GLU D 47 30.60 -0.39 9.78
N LEU D 48 31.34 -1.25 10.47
CA LEU D 48 30.88 -1.76 11.75
C LEU D 48 32.05 -2.08 12.69
N GLN D 49 32.00 -1.54 13.91
CA GLN D 49 32.99 -1.78 14.95
C GLN D 49 32.21 -2.19 16.20
N ALA D 50 32.30 -3.47 16.56
CA ALA D 50 31.58 -3.98 17.73
C ALA D 50 31.73 -3.07 18.94
N ASN D 51 30.59 -2.72 19.54
CA ASN D 51 30.55 -1.88 20.74
C ASN D 51 31.05 -0.45 20.59
N GLN D 52 31.37 -0.02 19.37
CA GLN D 52 31.88 1.33 19.20
C GLN D 52 31.12 2.24 18.22
N LYS D 53 31.12 1.88 16.95
CA LYS D 53 30.45 2.71 15.96
C LYS D 53 29.98 1.90 14.76
N ILE D 54 29.16 2.54 13.94
CA ILE D 54 28.64 1.92 12.75
C ILE D 54 28.24 2.98 11.73
N VAL D 55 28.50 2.69 10.47
CA VAL D 55 28.11 3.58 9.39
C VAL D 55 27.27 2.73 8.45
N ALA D 56 26.06 3.21 8.17
CA ALA D 56 25.13 2.52 7.29
C ALA D 56 24.36 3.56 6.51
N TYR D 57 23.50 3.11 5.58
CA TYR D 57 22.73 4.06 4.81
C TYR D 57 21.43 3.51 4.25
N LYS D 58 20.54 4.42 3.90
CA LYS D 58 19.25 4.09 3.32
C LYS D 58 19.06 4.99 2.10
N ASN D 59 18.74 4.39 0.96
CA ASN D 59 18.50 5.16 -0.24
C ASN D 59 17.11 5.76 -0.14
N ILE D 60 16.98 7.00 -0.57
CA ILE D 60 15.70 7.70 -0.54
C ILE D 60 15.16 7.78 -1.97
N THR D 61 13.97 7.24 -2.20
CA THR D 61 13.39 7.30 -3.54
C THR D 61 11.94 7.79 -3.52
N PHE D 62 11.50 8.32 -4.66
CA PHE D 62 10.13 8.80 -4.74
C PHE D 62 9.17 7.62 -4.62
N ASN D 63 9.61 6.46 -5.09
CA ASN D 63 8.76 5.27 -5.06
C ASN D 63 8.56 4.68 -3.67
N GLU D 64 8.27 5.53 -2.69
CA GLU D 64 8.02 5.09 -1.33
C GLU D 64 6.65 5.64 -0.92
N ASP D 65 5.81 4.75 -0.37
CA ASP D 65 4.45 5.10 0.03
C ASP D 65 4.35 6.33 0.92
N VAL D 66 5.29 6.48 1.85
CA VAL D 66 5.27 7.62 2.76
C VAL D 66 5.21 8.98 2.07
N PHE D 67 5.75 9.09 0.86
CA PHE D 67 5.72 10.36 0.14
C PHE D 67 4.33 10.76 -0.33
N ASN D 68 3.41 9.81 -0.41
CA ASN D 68 2.05 10.12 -0.82
C ASN D 68 1.43 11.18 0.08
N GLY D 69 1.86 11.20 1.34
CA GLY D 69 1.28 12.18 2.24
C GLY D 69 2.24 13.13 2.93
N HIS D 70 3.50 13.15 2.49
CA HIS D 70 4.48 14.01 3.13
C HIS D 70 5.51 14.59 2.14
N PHE D 71 5.09 15.51 1.26
CA PHE D 71 3.73 16.00 1.15
C PHE D 71 3.35 15.98 -0.33
N PRO D 72 2.05 16.05 -0.63
CA PRO D 72 1.68 16.04 -2.05
C PRO D 72 2.36 17.18 -2.79
N ASN D 73 3.00 16.85 -3.92
CA ASN D 73 3.71 17.80 -4.78
C ASN D 73 4.97 18.39 -4.15
N LYS D 74 5.46 17.77 -3.08
CA LYS D 74 6.66 18.24 -2.40
C LYS D 74 7.16 17.13 -1.48
N PRO D 75 7.81 16.10 -2.06
CA PRO D 75 8.33 14.97 -1.30
C PRO D 75 9.50 15.29 -0.37
N ILE D 76 9.29 15.08 0.92
CA ILE D 76 10.28 15.34 1.96
C ILE D 76 10.30 14.10 2.87
N PHE D 77 11.47 13.48 3.06
CA PHE D 77 11.55 12.32 3.92
C PHE D 77 11.35 12.84 5.34
N PRO D 78 10.34 12.33 6.05
CA PRO D 78 10.04 12.75 7.42
C PRO D 78 11.22 12.67 8.39
N GLY D 79 11.47 13.78 9.06
CA GLY D 79 12.57 13.85 10.01
C GLY D 79 12.51 12.76 11.08
N VAL D 80 11.32 12.47 11.58
CA VAL D 80 11.17 11.42 12.60
C VAL D 80 11.59 10.06 12.05
N LEU D 81 11.44 9.86 10.75
CA LEU D 81 11.85 8.59 10.13
C LEU D 81 13.37 8.53 9.99
N ILE D 82 14.02 9.68 10.01
CA ILE D 82 15.48 9.72 9.94
C ILE D 82 16.04 9.23 11.27
N VAL D 83 15.38 9.59 12.37
CA VAL D 83 15.80 9.16 13.70
C VAL D 83 15.56 7.66 13.81
N GLU D 84 14.44 7.21 13.26
CA GLU D 84 14.11 5.79 13.28
C GLU D 84 15.25 5.03 12.62
N GLY D 85 15.67 5.51 11.45
CA GLY D 85 16.76 4.86 10.73
C GLY D 85 18.05 4.81 11.52
N MET D 86 18.34 5.90 12.24
CA MET D 86 19.56 5.97 13.06
C MET D 86 19.47 4.95 14.18
N ALA D 87 18.26 4.77 14.70
CA ALA D 87 18.01 3.82 15.79
C ALA D 87 18.22 2.39 15.28
N GLN D 88 17.70 2.10 14.09
CA GLN D 88 17.84 0.76 13.50
C GLN D 88 19.30 0.44 13.19
N SER D 89 20.07 1.43 12.77
CA SER D 89 21.48 1.20 12.48
C SER D 89 22.11 0.85 13.82
N GLY D 90 21.75 1.62 14.84
CA GLY D 90 22.27 1.36 16.16
C GLY D 90 21.89 -0.05 16.59
N GLY D 91 20.62 -0.41 16.35
CA GLY D 91 20.15 -1.73 16.71
C GLY D 91 20.99 -2.82 16.07
N PHE D 92 21.34 -2.63 14.80
CA PHE D 92 22.16 -3.62 14.11
C PHE D 92 23.51 -3.73 14.83
N LEU D 93 24.07 -2.59 15.21
CA LEU D 93 25.35 -2.56 15.92
C LEU D 93 25.22 -3.35 17.22
N ALA D 94 24.19 -3.04 18.00
CA ALA D 94 23.94 -3.71 19.26
C ALA D 94 23.81 -5.23 19.13
N PHE D 95 22.93 -5.71 18.24
CA PHE D 95 22.74 -7.13 18.04
C PHE D 95 24.04 -7.86 17.69
N THR D 96 24.73 -7.39 16.65
CA THR D 96 25.98 -8.01 16.22
C THR D 96 27.08 -7.93 17.28
N SER D 97 27.08 -6.88 18.09
CA SER D 97 28.09 -6.74 19.14
C SER D 97 27.83 -7.83 20.17
N LEU D 98 26.55 -8.02 20.49
CA LEU D 98 26.09 -8.98 21.48
C LEU D 98 26.20 -10.47 21.10
N TRP D 99 25.76 -10.80 19.88
CA TRP D 99 25.76 -12.19 19.42
C TRP D 99 26.38 -12.42 18.05
N GLY D 100 27.07 -11.43 17.50
CA GLY D 100 27.65 -11.59 16.18
C GLY D 100 26.52 -11.77 15.18
N PHE D 101 26.81 -12.24 13.98
CA PHE D 101 25.75 -12.43 12.99
C PHE D 101 25.05 -13.75 13.31
N ASP D 102 24.02 -13.67 14.16
CA ASP D 102 23.28 -14.85 14.58
C ASP D 102 21.78 -14.74 14.32
N PRO D 103 21.31 -15.25 13.18
CA PRO D 103 19.89 -15.19 12.82
C PRO D 103 18.91 -15.96 13.71
N GLU D 104 19.32 -17.10 14.28
CA GLU D 104 18.39 -17.85 15.13
C GLU D 104 18.09 -17.11 16.43
N ILE D 105 19.10 -16.48 17.03
CA ILE D 105 18.86 -15.75 18.27
C ILE D 105 18.18 -14.41 17.99
N ALA D 106 18.61 -13.72 16.95
CA ALA D 106 18.03 -12.42 16.63
C ALA D 106 16.53 -12.52 16.34
N LYS D 107 16.15 -13.60 15.68
CA LYS D 107 14.76 -13.84 15.29
C LYS D 107 13.76 -13.76 16.46
N THR D 108 14.23 -14.03 17.68
CA THR D 108 13.37 -14.00 18.86
C THR D 108 13.24 -12.63 19.53
N LYS D 109 13.86 -11.60 18.94
CA LYS D 109 13.81 -10.27 19.56
C LYS D 109 13.10 -9.15 18.84
N ILE D 110 12.94 -8.05 19.56
CA ILE D 110 12.35 -6.82 19.04
C ILE D 110 13.17 -5.71 19.66
N VAL D 111 12.96 -4.47 19.22
CA VAL D 111 13.71 -3.35 19.75
C VAL D 111 12.74 -2.27 20.15
N TYR D 112 12.93 -1.70 21.34
CA TYR D 112 12.08 -0.64 21.85
C TYR D 112 12.85 0.66 22.09
N PHE D 113 12.30 1.76 21.61
CA PHE D 113 12.89 3.09 21.81
C PHE D 113 12.68 3.43 23.29
N MET D 114 13.66 4.06 23.93
CA MET D 114 13.50 4.44 25.34
C MET D 114 13.54 5.97 25.47
N THR D 115 14.48 6.60 24.77
CA THR D 115 14.59 8.05 24.79
C THR D 115 15.27 8.58 23.53
N ILE D 116 14.94 9.81 23.17
CA ILE D 116 15.56 10.47 22.02
C ILE D 116 15.95 11.83 22.59
N ASP D 117 17.09 12.36 22.18
CA ASP D 117 17.56 13.65 22.69
C ASP D 117 18.41 14.41 21.69
N LYS D 118 18.47 15.72 21.89
CA LYS D 118 19.29 16.59 21.06
C LYS D 118 19.13 16.35 19.57
N VAL D 119 17.91 16.24 19.08
CA VAL D 119 17.76 16.06 17.65
C VAL D 119 17.59 17.43 17.01
N LYS D 120 18.30 17.63 15.92
CA LYS D 120 18.26 18.87 15.19
C LYS D 120 18.13 18.54 13.71
N PHE D 121 17.22 19.22 13.04
CA PHE D 121 17.02 18.98 11.61
C PHE D 121 17.57 20.15 10.82
N ARG D 122 18.75 19.97 10.25
CA ARG D 122 19.39 21.04 9.50
C ARG D 122 19.04 21.11 8.02
N ILE D 123 18.92 19.97 7.34
CA ILE D 123 18.63 19.95 5.91
C ILE D 123 17.59 18.91 5.49
N PRO D 124 16.52 19.35 4.82
CA PRO D 124 15.52 18.35 4.41
C PRO D 124 16.09 17.30 3.46
N VAL D 125 15.63 16.06 3.63
CA VAL D 125 16.06 14.93 2.81
C VAL D 125 14.98 14.68 1.76
N THR D 126 15.38 14.53 0.51
CA THR D 126 14.43 14.35 -0.58
C THR D 126 14.80 13.17 -1.48
N PRO D 127 13.84 12.70 -2.29
CA PRO D 127 14.08 11.58 -3.20
C PRO D 127 15.36 11.78 -4.01
N GLY D 128 16.19 10.75 -4.06
CA GLY D 128 17.43 10.86 -4.81
C GLY D 128 18.61 11.01 -3.88
N ASP D 129 18.35 11.29 -2.60
CA ASP D 129 19.40 11.43 -1.60
C ASP D 129 19.81 10.06 -1.07
N ARG D 130 21.05 9.97 -0.61
CA ARG D 130 21.60 8.76 -0.03
C ARG D 130 21.78 9.09 1.46
N LEU D 131 20.78 8.74 2.27
CA LEU D 131 20.80 9.01 3.71
C LEU D 131 21.77 8.10 4.45
N GLU D 132 22.91 8.67 4.84
CA GLU D 132 23.96 7.94 5.53
C GLU D 132 23.86 8.14 7.06
N TYR D 133 23.79 7.04 7.81
CA TYR D 133 23.70 7.11 9.26
C TYR D 133 25.09 6.90 9.89
N HIS D 134 25.45 7.80 10.80
CA HIS D 134 26.74 7.71 11.50
C HIS D 134 26.45 7.70 13.00
N LEU D 135 26.63 6.55 13.63
CA LEU D 135 26.37 6.44 15.06
C LEU D 135 27.53 5.83 15.85
N GLU D 136 27.69 6.31 17.07
CA GLU D 136 28.72 5.81 17.97
C GLU D 136 28.05 5.41 19.27
N VAL D 137 28.60 4.41 19.94
CA VAL D 137 28.06 3.94 21.20
C VAL D 137 28.44 4.89 22.33
N LEU D 138 27.45 5.55 22.92
CA LEU D 138 27.72 6.47 24.02
C LEU D 138 27.80 5.68 25.31
N LYS D 139 26.98 4.64 25.40
CA LYS D 139 26.93 3.81 26.58
C LYS D 139 26.12 2.55 26.27
N HIS D 140 26.48 1.44 26.90
CA HIS D 140 25.76 0.20 26.66
C HIS D 140 26.01 -0.78 27.79
N LYS D 141 24.96 -1.48 28.18
CA LYS D 141 25.07 -2.47 29.23
C LYS D 141 23.89 -3.42 29.03
N GLY D 142 24.21 -4.68 28.77
CA GLY D 142 23.18 -5.66 28.55
C GLY D 142 22.43 -5.34 27.27
N MET D 143 21.10 -5.28 27.38
CA MET D 143 20.26 -5.00 26.25
C MET D 143 19.99 -3.51 26.04
N ILE D 144 20.52 -2.67 26.93
CA ILE D 144 20.32 -1.23 26.85
C ILE D 144 21.42 -0.51 26.08
N TRP D 145 21.10 0.04 24.92
CA TRP D 145 22.10 0.73 24.12
C TRP D 145 21.82 2.19 23.89
N GLN D 146 22.82 3.02 24.17
CA GLN D 146 22.68 4.45 23.97
C GLN D 146 23.63 4.88 22.85
N VAL D 147 23.08 5.44 21.78
CA VAL D 147 23.88 5.88 20.65
C VAL D 147 23.58 7.34 20.28
N GLY D 148 24.53 7.95 19.60
CA GLY D 148 24.36 9.32 19.19
C GLY D 148 25.12 9.51 17.90
N GLY D 149 24.72 10.49 17.11
CA GLY D 149 25.42 10.72 15.85
C GLY D 149 24.69 11.65 14.92
N THR D 150 24.94 11.47 13.63
CA THR D 150 24.34 12.31 12.61
C THR D 150 23.82 11.50 11.43
N ALA D 151 23.02 12.15 10.61
CA ALA D 151 22.48 11.56 9.40
C ALA D 151 23.12 12.45 8.34
N GLN D 152 23.73 11.87 7.32
CA GLN D 152 24.41 12.65 6.31
C GLN D 152 24.02 12.39 4.85
N VAL D 153 24.04 13.45 4.05
CA VAL D 153 23.77 13.38 2.63
C VAL D 153 24.90 14.10 1.91
N ASP D 154 25.65 13.37 1.09
CA ASP D 154 26.76 13.94 0.34
C ASP D 154 27.71 14.72 1.26
N GLY D 155 28.19 14.07 2.32
CA GLY D 155 29.12 14.72 3.23
C GLY D 155 28.61 15.78 4.20
N LYS D 156 27.40 16.27 4.00
CA LYS D 156 26.84 17.30 4.89
C LYS D 156 25.94 16.70 5.96
N VAL D 157 26.00 17.27 7.17
CA VAL D 157 25.17 16.83 8.27
C VAL D 157 23.74 17.30 8.02
N VAL D 158 22.85 16.33 7.89
CA VAL D 158 21.44 16.59 7.62
C VAL D 158 20.63 16.63 8.90
N ALA D 159 21.03 15.83 9.87
CA ALA D 159 20.34 15.78 11.15
C ALA D 159 21.27 15.24 12.21
N GLU D 160 20.94 15.51 13.46
CA GLU D 160 21.72 15.06 14.60
C GLU D 160 20.74 14.46 15.60
N ALA D 161 21.21 13.49 16.38
CA ALA D 161 20.35 12.87 17.37
C ALA D 161 21.10 11.94 18.31
N GLU D 162 20.49 11.71 19.46
CA GLU D 162 21.00 10.80 20.47
C GLU D 162 19.78 10.01 20.87
N LEU D 163 19.93 8.71 21.04
CA LEU D 163 18.78 7.90 21.41
C LEU D 163 19.21 6.69 22.20
N LYS D 164 18.30 6.15 22.99
CA LYS D 164 18.59 4.97 23.78
C LYS D 164 17.53 3.93 23.47
N ALA D 165 17.97 2.70 23.20
CA ALA D 165 17.04 1.62 22.88
C ALA D 165 17.34 0.35 23.65
N MET D 166 16.31 -0.50 23.76
CA MET D 166 16.42 -1.75 24.49
C MET D 166 16.05 -2.95 23.62
N ILE D 167 16.83 -4.02 23.72
CA ILE D 167 16.55 -5.24 22.98
C ILE D 167 15.84 -6.16 23.96
N ALA D 168 14.68 -6.67 23.57
CA ALA D 168 13.94 -7.55 24.47
C ALA D 168 13.28 -8.70 23.73
N GLU D 169 13.10 -9.83 24.42
CA GLU D 169 12.46 -11.00 23.85
C GLU D 169 11.03 -10.66 23.44
N ARG D 170 10.58 -11.16 22.30
CA ARG D 170 9.22 -10.91 21.84
C ARG D 170 8.21 -11.55 22.80
N GLU D 171 8.71 -12.38 23.72
CA GLU D 171 7.86 -13.06 24.70
C GLU D 171 6.76 -13.86 24.06
N GLN E 21 -11.22 -16.80 29.43
CA GLN E 21 -10.99 -15.34 29.66
C GLN E 21 -12.10 -14.52 29.03
N SER E 22 -12.21 -13.26 29.41
CA SER E 22 -13.24 -12.40 28.85
C SER E 22 -12.65 -11.22 28.09
N GLN E 23 -11.38 -10.89 28.35
CA GLN E 23 -10.68 -9.80 27.69
C GLN E 23 -9.51 -10.38 26.85
N PHE E 24 -9.39 -9.93 25.60
CA PHE E 24 -8.32 -10.38 24.70
C PHE E 24 -7.79 -9.22 23.88
N PHE E 25 -6.49 -9.21 23.65
CA PHE E 25 -5.88 -8.13 22.88
C PHE E 25 -5.50 -8.56 21.48
N ILE E 26 -4.97 -7.63 20.69
CA ILE E 26 -4.59 -7.93 19.30
C ILE E 26 -3.72 -9.17 19.17
N GLU E 27 -2.84 -9.42 20.13
CA GLU E 27 -1.99 -10.61 20.11
C GLU E 27 -2.82 -11.89 20.09
N HIS E 28 -3.90 -11.88 20.86
CA HIS E 28 -4.78 -13.04 20.95
C HIS E 28 -5.69 -13.17 19.73
N ILE E 29 -6.17 -12.05 19.21
CA ILE E 29 -7.04 -12.07 18.04
C ILE E 29 -6.27 -12.70 16.87
N LEU E 30 -5.05 -12.22 16.66
CA LEU E 30 -4.19 -12.71 15.59
C LEU E 30 -3.95 -14.22 15.66
N GLN E 31 -3.87 -14.75 16.88
CA GLN E 31 -3.64 -16.18 17.07
C GLN E 31 -4.87 -17.01 16.79
N ILE E 32 -6.03 -16.37 16.84
CA ILE E 32 -7.30 -17.06 16.62
C ILE E 32 -7.90 -16.85 15.23
N LEU E 33 -8.15 -15.59 14.87
CA LEU E 33 -8.73 -15.27 13.57
C LEU E 33 -7.72 -15.43 12.44
N PRO E 34 -8.17 -15.93 11.30
CA PRO E 34 -7.27 -16.12 10.15
C PRO E 34 -6.99 -14.82 9.41
N HIS E 35 -7.93 -13.89 9.49
CA HIS E 35 -7.81 -12.60 8.82
C HIS E 35 -6.51 -11.87 9.11
N ARG E 36 -5.98 -11.20 8.07
CA ARG E 36 -4.75 -10.45 8.21
C ARG E 36 -4.88 -9.11 7.51
N TYR E 37 -3.90 -8.24 7.67
CA TYR E 37 -3.96 -6.92 7.04
C TYR E 37 -4.13 -7.04 5.54
N PRO E 38 -4.97 -6.20 4.93
CA PRO E 38 -5.79 -5.13 5.51
C PRO E 38 -7.23 -5.58 5.70
N MET E 39 -7.40 -6.79 6.21
CA MET E 39 -8.74 -7.33 6.39
C MET E 39 -9.06 -7.86 7.79
N LEU E 40 -8.23 -7.49 8.77
CA LEU E 40 -8.47 -7.89 10.16
C LEU E 40 -9.04 -6.62 10.76
N LEU E 41 -10.34 -6.62 11.02
CA LEU E 41 -11.04 -5.45 11.53
C LEU E 41 -11.55 -5.51 12.98
N VAL E 42 -10.80 -6.17 13.85
CA VAL E 42 -11.15 -6.27 15.25
C VAL E 42 -9.85 -6.00 16.00
N ASP E 43 -9.85 -4.98 16.85
CA ASP E 43 -8.66 -4.62 17.59
C ASP E 43 -8.60 -5.16 19.02
N ARG E 44 -9.74 -5.28 19.66
CA ARG E 44 -9.75 -5.75 21.04
C ARG E 44 -11.08 -6.34 21.44
N ILE E 45 -11.04 -7.31 22.35
CA ILE E 45 -12.25 -7.96 22.85
C ILE E 45 -12.37 -7.60 24.34
N THR E 46 -13.46 -6.94 24.71
CA THR E 46 -13.65 -6.52 26.10
C THR E 46 -14.42 -7.50 26.96
N GLU E 47 -15.20 -8.37 26.32
CA GLU E 47 -15.94 -9.35 27.08
C GLU E 47 -16.58 -10.38 26.18
N LEU E 48 -16.69 -11.60 26.67
CA LEU E 48 -17.33 -12.64 25.89
C LEU E 48 -17.72 -13.81 26.76
N GLN E 49 -18.92 -14.30 26.52
CA GLN E 49 -19.47 -15.45 27.23
C GLN E 49 -19.55 -16.55 26.17
N ALA E 50 -18.96 -17.70 26.46
CA ALA E 50 -18.98 -18.81 25.52
C ALA E 50 -20.37 -19.16 25.02
N ASN E 51 -20.49 -19.34 23.70
CA ASN E 51 -21.76 -19.71 23.07
C ASN E 51 -22.86 -18.70 23.26
N GLN E 52 -22.55 -17.54 23.81
CA GLN E 52 -23.59 -16.55 24.06
C GLN E 52 -23.41 -15.17 23.45
N LYS E 53 -22.38 -14.45 23.89
CA LYS E 53 -22.16 -13.11 23.39
C LYS E 53 -20.69 -12.72 23.40
N ILE E 54 -20.40 -11.63 22.70
CA ILE E 54 -19.06 -11.10 22.64
C ILE E 54 -19.15 -9.60 22.40
N VAL E 55 -18.30 -8.85 23.10
CA VAL E 55 -18.26 -7.41 22.90
C VAL E 55 -16.82 -7.11 22.53
N ALA E 56 -16.62 -6.41 21.42
CA ALA E 56 -15.29 -6.08 20.94
C ALA E 56 -15.35 -4.73 20.25
N TYR E 57 -14.20 -4.24 19.80
CA TYR E 57 -14.17 -2.97 19.11
C TYR E 57 -13.00 -2.81 18.17
N LYS E 58 -13.14 -1.86 17.25
CA LYS E 58 -12.10 -1.54 16.28
C LYS E 58 -11.95 -0.03 16.26
N ASN E 59 -10.72 0.45 16.42
CA ASN E 59 -10.49 1.88 16.37
C ASN E 59 -10.49 2.30 14.92
N ILE E 60 -11.11 3.44 14.64
CA ILE E 60 -11.18 3.96 13.27
C ILE E 60 -10.31 5.22 13.22
N THR E 61 -9.31 5.21 12.37
CA THR E 61 -8.41 6.36 12.24
C THR E 61 -8.30 6.75 10.77
N PHE E 62 -7.82 7.97 10.50
CA PHE E 62 -7.67 8.41 9.14
C PHE E 62 -6.55 7.63 8.45
N ASN E 63 -5.59 7.19 9.25
CA ASN E 63 -4.44 6.44 8.73
C ASN E 63 -4.76 5.02 8.23
N GLU E 64 -5.91 4.86 7.58
CA GLU E 64 -6.30 3.55 7.05
C GLU E 64 -6.51 3.68 5.54
N ASP E 65 -5.93 2.76 4.79
CA ASP E 65 -5.98 2.77 3.32
C ASP E 65 -7.36 2.93 2.66
N VAL E 66 -8.40 2.31 3.21
CA VAL E 66 -9.75 2.43 2.63
C VAL E 66 -10.19 3.88 2.47
N PHE E 67 -9.71 4.75 3.35
CA PHE E 67 -10.11 6.14 3.28
C PHE E 67 -9.64 6.89 2.05
N ASN E 68 -8.59 6.40 1.39
CA ASN E 68 -8.13 7.06 0.16
C ASN E 68 -9.24 7.05 -0.87
N GLY E 69 -10.06 6.00 -0.87
CA GLY E 69 -11.12 5.93 -1.85
C GLY E 69 -12.55 5.94 -1.33
N HIS E 70 -12.75 6.22 -0.05
CA HIS E 70 -14.11 6.20 0.49
C HIS E 70 -14.35 7.26 1.56
N PHE E 71 -14.44 8.54 1.18
CA PHE E 71 -14.27 9.00 -0.20
C PHE E 71 -13.29 10.15 -0.11
N PRO E 72 -12.71 10.57 -1.23
CA PRO E 72 -11.77 11.69 -1.10
C PRO E 72 -12.48 12.90 -0.50
N ASN E 73 -11.80 13.58 0.41
CA ASN E 73 -12.31 14.76 1.10
C ASN E 73 -13.40 14.43 2.11
N LYS E 74 -13.81 13.17 2.17
CA LYS E 74 -14.85 12.80 3.11
C LYS E 74 -14.70 11.36 3.59
N PRO E 75 -13.81 11.14 4.57
CA PRO E 75 -13.57 9.80 5.11
C PRO E 75 -14.76 9.21 5.87
N ILE E 76 -15.34 8.17 5.27
CA ILE E 76 -16.49 7.48 5.84
C ILE E 76 -16.12 5.99 5.88
N PHE E 77 -16.06 5.39 7.08
CA PHE E 77 -15.73 3.98 7.17
C PHE E 77 -16.83 3.17 6.46
N PRO E 78 -16.47 2.42 5.42
CA PRO E 78 -17.45 1.62 4.66
C PRO E 78 -18.41 0.79 5.52
N GLY E 79 -19.69 0.87 5.18
CA GLY E 79 -20.70 0.14 5.92
C GLY E 79 -20.51 -1.36 5.87
N VAL E 80 -20.13 -1.89 4.70
CA VAL E 80 -19.90 -3.31 4.54
C VAL E 80 -18.72 -3.81 5.37
N LEU E 81 -17.83 -2.91 5.76
CA LEU E 81 -16.69 -3.31 6.57
C LEU E 81 -17.08 -3.36 8.05
N ILE E 82 -18.15 -2.67 8.40
CA ILE E 82 -18.65 -2.69 9.78
C ILE E 82 -19.26 -4.08 9.97
N VAL E 83 -19.96 -4.53 8.95
CA VAL E 83 -20.59 -5.85 8.94
C VAL E 83 -19.50 -6.92 9.03
N GLU E 84 -18.41 -6.66 8.31
CA GLU E 84 -17.27 -7.57 8.28
C GLU E 84 -16.65 -7.66 9.68
N GLY E 85 -16.56 -6.51 10.36
CA GLY E 85 -16.00 -6.48 11.70
C GLY E 85 -16.89 -7.20 12.71
N MET E 86 -18.20 -7.18 12.47
CA MET E 86 -19.14 -7.84 13.35
C MET E 86 -19.01 -9.35 13.16
N ALA E 87 -18.80 -9.75 11.91
CA ALA E 87 -18.66 -11.16 11.56
C ALA E 87 -17.39 -11.74 12.19
N GLN E 88 -16.31 -10.97 12.14
CA GLN E 88 -15.05 -11.43 12.72
C GLN E 88 -15.22 -11.55 14.23
N SER E 89 -16.02 -10.67 14.81
CA SER E 89 -16.28 -10.71 16.24
C SER E 89 -16.96 -12.04 16.53
N GLY E 90 -17.96 -12.36 15.71
CA GLY E 90 -18.68 -13.61 15.87
C GLY E 90 -17.77 -14.80 15.67
N GLY E 91 -16.87 -14.70 14.69
CA GLY E 91 -15.96 -15.79 14.42
C GLY E 91 -15.08 -16.11 15.60
N PHE E 92 -14.60 -15.08 16.29
CA PHE E 92 -13.75 -15.27 17.43
C PHE E 92 -14.54 -15.95 18.53
N LEU E 93 -15.79 -15.53 18.72
CA LEU E 93 -16.67 -16.12 19.72
C LEU E 93 -16.94 -17.57 19.33
N ALA E 94 -17.15 -17.79 18.03
CA ALA E 94 -17.43 -19.12 17.52
C ALA E 94 -16.26 -20.05 17.80
N PHE E 95 -15.07 -19.66 17.33
CA PHE E 95 -13.90 -20.50 17.51
C PHE E 95 -13.60 -20.84 18.97
N THR E 96 -13.48 -19.83 19.82
CA THR E 96 -13.18 -20.08 21.22
C THR E 96 -14.28 -20.87 21.92
N SER E 97 -15.51 -20.78 21.41
CA SER E 97 -16.60 -21.51 22.01
C SER E 97 -16.52 -23.00 21.67
N LEU E 98 -15.91 -23.32 20.51
CA LEU E 98 -15.75 -24.71 20.08
C LEU E 98 -14.50 -25.39 20.63
N TRP E 99 -13.35 -24.73 20.47
CA TRP E 99 -12.07 -25.29 20.90
C TRP E 99 -11.36 -24.48 21.99
N GLY E 100 -12.03 -23.48 22.55
CA GLY E 100 -11.36 -22.67 23.56
C GLY E 100 -10.24 -21.91 22.88
N PHE E 101 -9.32 -21.35 23.67
CA PHE E 101 -8.23 -20.60 23.09
C PHE E 101 -7.14 -21.53 22.59
N ASP E 102 -7.27 -22.00 21.35
CA ASP E 102 -6.27 -22.91 20.81
C ASP E 102 -5.72 -22.49 19.46
N PRO E 103 -4.62 -21.72 19.47
CA PRO E 103 -3.93 -21.22 18.27
C PRO E 103 -3.57 -22.28 17.24
N GLU E 104 -2.92 -23.35 17.68
CA GLU E 104 -2.50 -24.43 16.78
C GLU E 104 -3.63 -25.00 15.97
N ILE E 105 -4.81 -25.10 16.56
CA ILE E 105 -5.99 -25.61 15.88
C ILE E 105 -6.54 -24.52 14.97
N ALA E 106 -6.51 -23.28 15.45
CA ALA E 106 -7.04 -22.16 14.69
C ALA E 106 -6.23 -21.74 13.46
N LYS E 107 -4.92 -21.99 13.46
CA LYS E 107 -4.12 -21.55 12.33
C LYS E 107 -4.47 -22.15 10.96
N THR E 108 -5.20 -23.27 10.93
CA THR E 108 -5.57 -23.88 9.65
C THR E 108 -7.05 -23.73 9.35
N LYS E 109 -7.73 -22.86 10.09
CA LYS E 109 -9.16 -22.64 9.87
C LYS E 109 -9.40 -21.36 9.09
N ILE E 110 -10.52 -21.34 8.36
CA ILE E 110 -10.93 -20.18 7.60
C ILE E 110 -12.38 -19.91 7.98
N VAL E 111 -12.89 -18.75 7.58
CA VAL E 111 -14.27 -18.37 7.88
C VAL E 111 -15.00 -17.88 6.63
N TYR E 112 -16.09 -18.55 6.28
CA TYR E 112 -16.89 -18.17 5.11
C TYR E 112 -18.19 -17.54 5.56
N PHE E 113 -18.58 -16.47 4.86
CA PHE E 113 -19.83 -15.79 5.12
C PHE E 113 -20.87 -16.68 4.43
N MET E 114 -22.02 -16.87 5.05
CA MET E 114 -23.07 -17.67 4.42
C MET E 114 -24.25 -16.77 4.07
N THR E 115 -24.67 -15.94 5.03
CA THR E 115 -25.79 -15.02 4.79
C THR E 115 -25.65 -13.74 5.62
N ILE E 116 -26.37 -12.71 5.17
CA ILE E 116 -26.38 -11.42 5.86
C ILE E 116 -27.82 -10.91 5.74
N ASP E 117 -28.44 -10.60 6.87
CA ASP E 117 -29.81 -10.10 6.86
C ASP E 117 -30.03 -8.92 7.77
N LYS E 118 -31.17 -8.27 7.57
CA LYS E 118 -31.61 -7.15 8.36
C LYS E 118 -30.51 -6.19 8.81
N VAL E 119 -29.66 -5.73 7.89
CA VAL E 119 -28.63 -4.78 8.32
C VAL E 119 -29.17 -3.38 8.09
N LYS E 120 -28.81 -2.46 8.98
CA LYS E 120 -29.27 -1.10 8.88
C LYS E 120 -28.20 -0.15 9.42
N PHE E 121 -27.83 0.84 8.61
CA PHE E 121 -26.83 1.83 9.03
C PHE E 121 -27.58 3.09 9.45
N ARG E 122 -27.27 3.60 10.63
CA ARG E 122 -27.95 4.78 11.16
C ARG E 122 -27.08 6.03 11.27
N ILE E 123 -25.80 5.84 11.54
CA ILE E 123 -24.87 6.96 11.71
C ILE E 123 -23.53 6.65 11.06
N PRO E 124 -23.06 7.53 10.16
CA PRO E 124 -21.78 7.29 9.51
C PRO E 124 -20.64 7.17 10.53
N VAL E 125 -19.72 6.24 10.29
CA VAL E 125 -18.58 6.04 11.16
C VAL E 125 -17.39 6.75 10.51
N THR E 126 -16.71 7.61 11.27
CA THR E 126 -15.60 8.39 10.76
C THR E 126 -14.35 8.28 11.61
N PRO E 127 -13.21 8.76 11.09
CA PRO E 127 -11.93 8.72 11.80
C PRO E 127 -12.08 9.30 13.21
N GLY E 128 -11.50 8.62 14.20
CA GLY E 128 -11.61 9.08 15.57
C GLY E 128 -12.68 8.34 16.33
N ASP E 129 -13.49 7.56 15.61
CA ASP E 129 -14.56 6.77 16.24
C ASP E 129 -14.03 5.45 16.80
N ARG E 130 -14.62 5.01 17.92
CA ARG E 130 -14.26 3.73 18.52
C ARG E 130 -15.45 2.85 18.15
N LEU E 131 -15.30 2.05 17.11
CA LEU E 131 -16.39 1.18 16.64
C LEU E 131 -16.51 -0.06 17.52
N GLU E 132 -17.57 -0.12 18.32
CA GLU E 132 -17.77 -1.24 19.23
C GLU E 132 -18.80 -2.25 18.73
N TYR E 133 -18.36 -3.51 18.61
CA TYR E 133 -19.21 -4.59 18.13
C TYR E 133 -19.91 -5.32 19.30
N HIS E 134 -21.20 -5.61 19.13
CA HIS E 134 -22.00 -6.32 20.14
C HIS E 134 -22.73 -7.45 19.43
N LEU E 135 -22.26 -8.67 19.60
CA LEU E 135 -22.88 -9.81 18.95
C LEU E 135 -23.41 -10.82 19.95
N GLU E 136 -24.55 -11.40 19.60
CA GLU E 136 -25.19 -12.43 20.40
C GLU E 136 -25.46 -13.60 19.48
N VAL E 137 -25.31 -14.81 20.01
CA VAL E 137 -25.54 -16.00 19.21
C VAL E 137 -27.05 -16.23 19.15
N LEU E 138 -27.59 -16.32 17.94
CA LEU E 138 -29.02 -16.53 17.74
C LEU E 138 -29.29 -18.01 17.48
N LYS E 139 -28.25 -18.73 17.10
CA LYS E 139 -28.35 -20.14 16.79
C LYS E 139 -27.01 -20.60 16.27
N HIS E 140 -26.64 -21.82 16.63
CA HIS E 140 -25.37 -22.35 16.18
C HIS E 140 -25.39 -23.85 16.29
N LYS E 141 -24.83 -24.50 15.27
CA LYS E 141 -24.76 -25.95 15.21
C LYS E 141 -23.48 -26.34 14.47
N GLY E 142 -22.60 -27.05 15.16
CA GLY E 142 -21.36 -27.46 14.54
C GLY E 142 -20.55 -26.24 14.18
N MET E 143 -20.21 -26.12 12.90
CA MET E 143 -19.40 -25.01 12.39
C MET E 143 -20.23 -23.81 11.96
N ILE E 144 -21.56 -23.95 11.96
CA ILE E 144 -22.42 -22.86 11.52
C ILE E 144 -22.98 -22.00 12.65
N TRP E 145 -22.57 -20.73 12.65
CA TRP E 145 -23.02 -19.79 13.65
C TRP E 145 -23.80 -18.62 13.07
N GLN E 146 -24.93 -18.31 13.71
CA GLN E 146 -25.77 -17.21 13.31
C GLN E 146 -25.75 -16.22 14.44
N VAL E 147 -25.07 -15.10 14.23
CA VAL E 147 -24.99 -14.09 15.25
C VAL E 147 -25.79 -12.87 14.84
N GLY E 148 -26.13 -12.04 15.81
CA GLY E 148 -26.89 -10.84 15.52
C GLY E 148 -26.50 -9.75 16.51
N GLY E 149 -26.64 -8.49 16.11
CA GLY E 149 -26.25 -7.44 17.03
C GLY E 149 -26.10 -6.05 16.46
N THR E 150 -25.26 -5.25 17.10
CA THR E 150 -25.05 -3.88 16.67
C THR E 150 -23.61 -3.45 16.68
N ALA E 151 -23.40 -2.28 16.11
CA ALA E 151 -22.09 -1.64 16.07
C ALA E 151 -22.43 -0.33 16.76
N GLN E 152 -21.65 0.05 17.75
CA GLN E 152 -21.92 1.27 18.48
C GLN E 152 -20.75 2.23 18.60
N VAL E 153 -21.06 3.52 18.64
CA VAL E 153 -20.03 4.55 18.81
C VAL E 153 -20.53 5.49 19.90
N ASP E 154 -19.71 5.66 20.93
CA ASP E 154 -20.08 6.53 22.05
C ASP E 154 -21.44 6.13 22.63
N GLY E 155 -21.61 4.82 22.85
CA GLY E 155 -22.85 4.33 23.42
C GLY E 155 -24.07 4.37 22.52
N LYS E 156 -23.91 4.89 21.31
CA LYS E 156 -25.04 4.97 20.38
C LYS E 156 -24.91 3.95 19.25
N VAL E 157 -26.05 3.45 18.77
CA VAL E 157 -26.07 2.47 17.71
C VAL E 157 -25.92 3.09 16.33
N VAL E 158 -24.89 2.65 15.60
CA VAL E 158 -24.65 3.17 14.26
C VAL E 158 -25.03 2.17 13.18
N ALA E 159 -25.17 0.89 13.57
CA ALA E 159 -25.52 -0.17 12.64
C ALA E 159 -26.09 -1.41 13.34
N GLU E 160 -26.91 -2.15 12.60
CA GLU E 160 -27.53 -3.38 13.08
C GLU E 160 -27.29 -4.42 12.01
N ALA E 161 -27.13 -5.68 12.41
CA ALA E 161 -26.90 -6.74 11.46
C ALA E 161 -27.10 -8.13 12.04
N GLU E 162 -27.52 -9.04 11.17
CA GLU E 162 -27.72 -10.43 11.52
C GLU E 162 -26.93 -11.16 10.45
N LEU E 163 -26.11 -12.14 10.85
CA LEU E 163 -25.32 -12.86 9.86
C LEU E 163 -25.02 -14.30 10.26
N LYS E 164 -24.84 -15.14 9.25
CA LYS E 164 -24.52 -16.56 9.46
C LYS E 164 -23.18 -16.84 8.77
N ALA E 165 -22.24 -17.36 9.53
CA ALA E 165 -20.91 -17.68 9.03
C ALA E 165 -20.54 -19.13 9.33
N MET E 166 -19.57 -19.64 8.59
CA MET E 166 -19.13 -21.02 8.77
C MET E 166 -17.63 -21.15 8.98
N ILE E 167 -17.24 -21.88 10.02
CA ILE E 167 -15.83 -22.13 10.27
C ILE E 167 -15.49 -23.40 9.51
N ALA E 168 -14.40 -23.36 8.74
CA ALA E 168 -14.00 -24.53 7.96
C ALA E 168 -12.51 -24.79 7.98
N GLU E 169 -12.13 -26.06 7.96
CA GLU E 169 -10.73 -26.45 7.93
C GLU E 169 -10.24 -26.09 6.52
N ARG E 170 -9.09 -25.45 6.46
CA ARG E 170 -8.52 -25.04 5.18
C ARG E 170 -8.02 -26.25 4.38
N GLU E 171 -8.42 -26.33 3.12
CA GLU E 171 -7.94 -27.41 2.27
C GLU E 171 -7.61 -26.86 0.89
N GLN F 23 -21.80 1.15 -23.95
CA GLN F 23 -21.25 0.69 -22.65
C GLN F 23 -20.56 1.83 -21.93
N PHE F 24 -20.28 1.64 -20.65
CA PHE F 24 -19.60 2.66 -19.87
C PHE F 24 -18.34 2.02 -19.32
N PHE F 25 -17.19 2.56 -19.70
CA PHE F 25 -15.92 2.02 -19.26
C PHE F 25 -15.49 2.68 -17.97
N ILE F 26 -14.34 2.25 -17.43
CA ILE F 26 -13.86 2.81 -16.17
C ILE F 26 -13.78 4.33 -16.17
N GLU F 27 -13.37 4.92 -17.29
CA GLU F 27 -13.27 6.37 -17.40
C GLU F 27 -14.62 7.00 -17.03
N HIS F 28 -15.70 6.46 -17.62
CA HIS F 28 -17.04 6.94 -17.36
C HIS F 28 -17.43 6.70 -15.91
N ILE F 29 -17.24 5.47 -15.44
CA ILE F 29 -17.55 5.12 -14.07
C ILE F 29 -16.95 6.15 -13.11
N LEU F 30 -15.69 6.52 -13.31
CA LEU F 30 -15.02 7.49 -12.43
C LEU F 30 -15.69 8.87 -12.45
N GLN F 31 -16.37 9.18 -13.54
CA GLN F 31 -17.04 10.46 -13.66
C GLN F 31 -18.40 10.50 -12.98
N ILE F 32 -18.93 9.32 -12.63
CA ILE F 32 -20.22 9.25 -11.99
C ILE F 32 -20.14 8.85 -10.51
N LEU F 33 -19.43 7.77 -10.22
CA LEU F 33 -19.28 7.31 -8.84
C LEU F 33 -18.13 8.04 -8.14
N PRO F 34 -18.33 8.44 -6.88
CA PRO F 34 -17.26 9.15 -6.17
C PRO F 34 -16.23 8.19 -5.59
N HIS F 35 -16.53 6.89 -5.65
CA HIS F 35 -15.61 5.90 -5.08
C HIS F 35 -14.27 5.88 -5.80
N ARG F 36 -13.20 5.73 -5.04
CA ARG F 36 -11.86 5.65 -5.59
C ARG F 36 -11.11 4.48 -4.96
N TYR F 37 -9.92 4.19 -5.47
CA TYR F 37 -9.10 3.08 -4.95
C TYR F 37 -8.82 3.29 -3.46
N PRO F 38 -8.87 2.20 -2.66
CA PRO F 38 -9.16 0.82 -3.06
C PRO F 38 -10.60 0.41 -2.83
N MET F 39 -11.55 1.31 -3.05
CA MET F 39 -12.96 0.98 -2.85
C MET F 39 -13.88 1.08 -4.07
N LEU F 40 -13.32 1.33 -5.26
CA LEU F 40 -14.12 1.39 -6.48
C LEU F 40 -14.09 -0.04 -6.98
N LEU F 41 -15.21 -0.73 -6.85
CA LEU F 41 -15.27 -2.15 -7.22
C LEU F 41 -16.09 -2.53 -8.45
N VAL F 42 -16.16 -1.63 -9.42
CA VAL F 42 -16.86 -1.89 -10.67
C VAL F 42 -15.92 -1.41 -11.77
N ASP F 43 -15.62 -2.30 -12.70
CA ASP F 43 -14.70 -1.99 -13.80
C ASP F 43 -15.36 -1.55 -15.10
N ARG F 44 -16.54 -2.09 -15.40
CA ARG F 44 -17.22 -1.77 -16.64
C ARG F 44 -18.73 -2.00 -16.53
N ILE F 45 -19.50 -1.20 -17.27
CA ILE F 45 -20.96 -1.31 -17.30
C ILE F 45 -21.33 -1.87 -18.67
N THR F 46 -21.92 -3.06 -18.70
CA THR F 46 -22.33 -3.66 -19.97
C THR F 46 -23.77 -3.32 -20.38
N GLU F 47 -24.69 -3.20 -19.40
CA GLU F 47 -26.09 -2.89 -19.67
C GLU F 47 -26.66 -1.85 -18.71
N LEU F 48 -27.51 -0.97 -19.23
CA LEU F 48 -28.15 0.04 -18.40
C LEU F 48 -29.52 0.37 -18.97
N GLN F 49 -30.51 0.47 -18.09
CA GLN F 49 -31.89 0.78 -18.47
C GLN F 49 -32.47 1.62 -17.33
N ALA F 50 -32.53 2.93 -17.54
CA ALA F 50 -33.02 3.84 -16.51
C ALA F 50 -34.24 3.32 -15.77
N ASN F 51 -34.19 3.47 -14.44
CA ASN F 51 -35.28 3.06 -13.56
C ASN F 51 -35.64 1.58 -13.69
N GLN F 52 -34.80 0.79 -14.35
CA GLN F 52 -35.09 -0.63 -14.49
C GLN F 52 -34.00 -1.57 -13.98
N LYS F 53 -32.91 -1.71 -14.74
CA LYS F 53 -31.85 -2.62 -14.35
C LYS F 53 -30.49 -2.21 -14.87
N ILE F 54 -29.46 -2.88 -14.37
CA ILE F 54 -28.09 -2.60 -14.81
C ILE F 54 -27.30 -3.89 -14.68
N VAL F 55 -26.35 -4.07 -15.59
CA VAL F 55 -25.48 -5.24 -15.60
C VAL F 55 -24.07 -4.71 -15.77
N ALA F 56 -23.20 -5.07 -14.85
CA ALA F 56 -21.82 -4.59 -14.89
C ALA F 56 -20.92 -5.68 -14.36
N TYR F 57 -19.62 -5.39 -14.29
CA TYR F 57 -18.71 -6.39 -13.76
C TYR F 57 -17.38 -5.83 -13.28
N LYS F 58 -16.68 -6.64 -12.49
CA LYS F 58 -15.38 -6.29 -11.94
C LYS F 58 -14.51 -7.52 -12.09
N ASN F 59 -13.29 -7.33 -12.57
CA ASN F 59 -12.39 -8.47 -12.71
C ASN F 59 -11.74 -8.73 -11.35
N ILE F 60 -11.50 -10.00 -11.05
CA ILE F 60 -10.85 -10.36 -9.79
C ILE F 60 -9.48 -10.91 -10.15
N THR F 61 -8.45 -10.32 -9.58
CA THR F 61 -7.09 -10.73 -9.87
C THR F 61 -6.34 -10.91 -8.56
N PHE F 62 -5.23 -11.64 -8.59
CA PHE F 62 -4.47 -11.82 -7.38
C PHE F 62 -3.81 -10.52 -6.96
N ASN F 63 -3.49 -9.68 -7.94
CA ASN F 63 -2.82 -8.39 -7.71
C ASN F 63 -3.69 -7.34 -7.02
N GLU F 64 -4.47 -7.74 -6.03
CA GLU F 64 -5.32 -6.80 -5.29
C GLU F 64 -4.91 -6.91 -3.83
N ASP F 65 -4.71 -5.77 -3.18
CA ASP F 65 -4.27 -5.74 -1.78
C ASP F 65 -5.13 -6.51 -0.79
N VAL F 66 -6.44 -6.54 -0.98
CA VAL F 66 -7.31 -7.28 -0.06
C VAL F 66 -6.92 -8.75 0.13
N PHE F 67 -6.31 -9.37 -0.87
CA PHE F 67 -5.94 -10.78 -0.75
C PHE F 67 -4.78 -11.08 0.20
N ASN F 68 -4.00 -10.06 0.53
CA ASN F 68 -2.90 -10.24 1.47
C ASN F 68 -3.45 -10.71 2.81
N GLY F 69 -4.65 -10.25 3.15
CA GLY F 69 -5.23 -10.65 4.41
C GLY F 69 -6.51 -11.46 4.34
N HIS F 70 -6.93 -11.87 3.15
CA HIS F 70 -8.16 -12.62 3.04
C HIS F 70 -8.19 -13.70 1.96
N PHE F 71 -7.52 -14.83 2.18
CA PHE F 71 -6.77 -15.11 3.39
C PHE F 71 -5.38 -15.54 2.94
N PRO F 72 -4.37 -15.37 3.80
CA PRO F 72 -3.06 -15.81 3.32
C PRO F 72 -3.09 -17.27 2.85
N ASN F 73 -2.51 -17.52 1.68
CA ASN F 73 -2.47 -18.86 1.09
C ASN F 73 -3.82 -19.37 0.58
N LYS F 74 -4.86 -18.58 0.76
CA LYS F 74 -6.18 -18.98 0.29
C LYS F 74 -6.95 -17.71 -0.10
N PRO F 75 -6.66 -17.17 -1.30
CA PRO F 75 -7.34 -15.94 -1.75
C PRO F 75 -8.81 -16.12 -2.06
N ILE F 76 -9.62 -15.38 -1.32
CA ILE F 76 -11.07 -15.42 -1.47
C ILE F 76 -11.57 -13.98 -1.43
N PHE F 77 -12.23 -13.56 -2.51
CA PHE F 77 -12.74 -12.19 -2.57
C PHE F 77 -13.80 -12.06 -1.49
N PRO F 78 -13.65 -11.07 -0.58
CA PRO F 78 -14.60 -10.86 0.53
C PRO F 78 -16.07 -10.73 0.10
N GLY F 79 -16.93 -11.52 0.76
CA GLY F 79 -18.35 -11.47 0.45
C GLY F 79 -18.94 -10.09 0.60
N VAL F 80 -18.47 -9.34 1.59
CA VAL F 80 -18.97 -8.00 1.81
C VAL F 80 -18.58 -7.07 0.66
N LEU F 81 -17.46 -7.37 0.01
CA LEU F 81 -17.02 -6.53 -1.11
C LEU F 81 -17.83 -6.87 -2.36
N ILE F 82 -18.35 -8.09 -2.42
CA ILE F 82 -19.20 -8.48 -3.54
C ILE F 82 -20.45 -7.62 -3.38
N VAL F 83 -20.95 -7.54 -2.15
CA VAL F 83 -22.14 -6.74 -1.87
C VAL F 83 -21.86 -5.27 -2.19
N GLU F 84 -20.69 -4.78 -1.79
CA GLU F 84 -20.33 -3.39 -2.06
C GLU F 84 -20.34 -3.14 -3.58
N GLY F 85 -19.88 -4.14 -4.32
CA GLY F 85 -19.85 -4.03 -5.76
C GLY F 85 -21.23 -3.95 -6.36
N MET F 86 -22.21 -4.57 -5.70
CA MET F 86 -23.59 -4.54 -6.20
C MET F 86 -24.23 -3.22 -5.82
N ALA F 87 -23.84 -2.69 -4.67
CA ALA F 87 -24.34 -1.42 -4.19
C ALA F 87 -23.86 -0.33 -5.13
N GLN F 88 -22.60 -0.46 -5.55
CA GLN F 88 -22.00 0.49 -6.48
C GLN F 88 -22.70 0.41 -7.83
N SER F 89 -22.93 -0.80 -8.32
CA SER F 89 -23.60 -0.95 -9.60
C SER F 89 -24.98 -0.29 -9.53
N GLY F 90 -25.68 -0.47 -8.43
CA GLY F 90 -26.98 0.13 -8.27
C GLY F 90 -26.87 1.65 -8.14
N GLY F 91 -25.77 2.12 -7.58
CA GLY F 91 -25.57 3.55 -7.43
C GLY F 91 -25.42 4.18 -8.80
N PHE F 92 -24.70 3.50 -9.69
CA PHE F 92 -24.49 4.03 -11.04
C PHE F 92 -25.85 4.19 -11.70
N LEU F 93 -26.65 3.12 -11.65
CA LEU F 93 -27.98 3.16 -12.23
C LEU F 93 -28.81 4.31 -11.62
N ALA F 94 -28.59 4.59 -10.35
CA ALA F 94 -29.32 5.66 -9.67
C ALA F 94 -28.88 7.07 -10.10
N PHE F 95 -27.57 7.28 -10.21
CA PHE F 95 -27.01 8.57 -10.62
C PHE F 95 -27.51 8.90 -12.02
N THR F 96 -27.53 7.89 -12.89
CA THR F 96 -27.97 8.06 -14.27
C THR F 96 -29.47 8.19 -14.47
N SER F 97 -30.25 7.39 -13.76
CA SER F 97 -31.72 7.47 -13.88
C SER F 97 -32.16 8.84 -13.39
N LEU F 98 -31.46 9.32 -12.38
CA LEU F 98 -31.71 10.60 -11.74
C LEU F 98 -31.33 11.80 -12.59
N TRP F 99 -30.04 11.89 -12.90
CA TRP F 99 -29.52 13.02 -13.66
C TRP F 99 -28.93 12.66 -15.02
N GLY F 100 -29.18 11.45 -15.51
CA GLY F 100 -28.58 11.06 -16.77
C GLY F 100 -27.08 11.02 -16.53
N PHE F 101 -26.27 11.05 -17.58
CA PHE F 101 -24.82 11.03 -17.42
C PHE F 101 -24.31 12.46 -17.29
N ASP F 102 -24.45 13.02 -16.10
CA ASP F 102 -24.02 14.39 -15.87
C ASP F 102 -22.91 14.41 -14.82
N PRO F 103 -21.66 14.36 -15.26
CA PRO F 103 -20.49 14.37 -14.38
C PRO F 103 -20.43 15.49 -13.35
N GLU F 104 -20.83 16.70 -13.71
CA GLU F 104 -20.72 17.81 -12.76
C GLU F 104 -21.73 17.78 -11.60
N ILE F 105 -22.93 17.24 -11.81
CA ILE F 105 -23.90 17.16 -10.72
C ILE F 105 -23.39 16.07 -9.76
N ALA F 106 -22.86 15.00 -10.36
CA ALA F 106 -22.34 13.85 -9.62
C ALA F 106 -21.18 14.15 -8.68
N LYS F 107 -20.19 14.90 -9.16
CA LYS F 107 -19.01 15.21 -8.37
C LYS F 107 -19.28 15.89 -7.03
N THR F 108 -20.53 16.21 -6.74
CA THR F 108 -20.83 16.87 -5.47
C THR F 108 -21.48 15.90 -4.48
N LYS F 109 -21.83 14.71 -4.96
CA LYS F 109 -22.46 13.74 -4.08
C LYS F 109 -21.54 12.61 -3.64
N ILE F 110 -22.06 11.82 -2.70
CA ILE F 110 -21.40 10.64 -2.16
C ILE F 110 -22.58 9.71 -1.92
N VAL F 111 -22.30 8.45 -1.63
CA VAL F 111 -23.38 7.49 -1.41
C VAL F 111 -23.25 6.86 -0.04
N TYR F 112 -24.39 6.66 0.62
CA TYR F 112 -24.43 6.04 1.95
C TYR F 112 -25.25 4.76 1.89
N PHE F 113 -24.79 3.74 2.61
CA PHE F 113 -25.52 2.49 2.66
C PHE F 113 -26.61 2.69 3.71
N MET F 114 -27.83 2.26 3.42
CA MET F 114 -28.94 2.40 4.38
C MET F 114 -29.32 1.04 4.99
N THR F 115 -29.64 0.09 4.12
CA THR F 115 -29.99 -1.26 4.55
C THR F 115 -29.45 -2.28 3.56
N ILE F 116 -29.29 -3.51 4.04
CA ILE F 116 -28.82 -4.64 3.24
C ILE F 116 -29.63 -5.81 3.77
N ASP F 117 -30.17 -6.63 2.88
CA ASP F 117 -30.95 -7.75 3.36
C ASP F 117 -31.00 -8.90 2.37
N LYS F 118 -31.38 -10.06 2.88
CA LYS F 118 -31.51 -11.26 2.07
C LYS F 118 -30.30 -11.60 1.21
N VAL F 119 -29.10 -11.53 1.78
CA VAL F 119 -27.94 -11.87 1.00
C VAL F 119 -27.48 -13.28 1.32
N LYS F 120 -27.14 -14.02 0.26
CA LYS F 120 -26.66 -15.39 0.40
C LYS F 120 -25.45 -15.58 -0.49
N PHE F 121 -24.45 -16.27 0.02
CA PHE F 121 -23.25 -16.56 -0.74
C PHE F 121 -23.25 -18.04 -1.08
N ARG F 122 -23.20 -18.36 -2.37
CA ARG F 122 -23.24 -19.75 -2.82
C ARG F 122 -21.89 -20.33 -3.21
N ILE F 123 -21.10 -19.57 -3.97
CA ILE F 123 -19.81 -20.02 -4.42
C ILE F 123 -18.76 -18.95 -4.16
N PRO F 124 -17.58 -19.34 -3.66
CA PRO F 124 -16.52 -18.36 -3.38
C PRO F 124 -15.94 -17.78 -4.67
N VAL F 125 -15.69 -16.47 -4.67
CA VAL F 125 -15.12 -15.78 -5.83
C VAL F 125 -13.62 -15.72 -5.60
N THR F 126 -12.84 -16.00 -6.64
CA THR F 126 -11.39 -16.01 -6.50
C THR F 126 -10.65 -15.37 -7.68
N PRO F 127 -9.33 -15.17 -7.54
CA PRO F 127 -8.55 -14.56 -8.62
C PRO F 127 -8.78 -15.33 -9.92
N GLY F 128 -9.05 -14.62 -11.01
CA GLY F 128 -9.30 -15.25 -12.29
C GLY F 128 -10.76 -15.16 -12.69
N ASP F 129 -11.62 -14.90 -11.69
CA ASP F 129 -13.05 -14.76 -11.91
C ASP F 129 -13.45 -13.39 -12.44
N ARG F 130 -14.50 -13.39 -13.24
CA ARG F 130 -15.06 -12.15 -13.78
C ARG F 130 -16.36 -12.04 -13.00
N LEU F 131 -16.41 -11.10 -12.05
CA LEU F 131 -17.57 -10.92 -11.18
C LEU F 131 -18.64 -10.00 -11.80
N GLU F 132 -19.63 -10.61 -12.42
CA GLU F 132 -20.72 -9.90 -13.08
C GLU F 132 -21.88 -9.56 -12.16
N TYR F 133 -22.20 -8.26 -12.05
CA TYR F 133 -23.29 -7.79 -11.20
C TYR F 133 -24.60 -7.58 -11.97
N HIS F 134 -25.70 -8.05 -11.40
CA HIS F 134 -27.04 -7.92 -12.00
C HIS F 134 -27.96 -7.26 -11.00
N LEU F 135 -28.35 -6.01 -11.25
CA LEU F 135 -29.24 -5.31 -10.34
C LEU F 135 -30.46 -4.73 -11.03
N GLU F 136 -31.60 -4.79 -10.34
CA GLU F 136 -32.84 -4.21 -10.82
C GLU F 136 -33.32 -3.30 -9.70
N VAL F 137 -34.08 -2.28 -10.07
CA VAL F 137 -34.61 -1.34 -9.10
C VAL F 137 -35.88 -1.95 -8.53
N LEU F 138 -35.98 -2.01 -7.20
CA LEU F 138 -37.17 -2.57 -6.58
C LEU F 138 -38.08 -1.41 -6.19
N LYS F 139 -37.45 -0.30 -5.79
CA LYS F 139 -38.18 0.90 -5.39
C LYS F 139 -37.22 2.07 -5.25
N HIS F 140 -37.75 3.28 -5.40
CA HIS F 140 -36.92 4.46 -5.28
C HIS F 140 -37.76 5.71 -5.10
N LYS F 141 -37.24 6.65 -4.31
CA LYS F 141 -37.93 7.92 -4.07
C LYS F 141 -36.86 8.95 -3.78
N GLY F 142 -36.80 9.97 -4.63
CA GLY F 142 -35.82 11.01 -4.45
C GLY F 142 -34.41 10.45 -4.53
N MET F 143 -33.65 10.62 -3.45
CA MET F 143 -32.26 10.16 -3.39
C MET F 143 -32.15 8.76 -2.79
N ILE F 144 -33.25 8.23 -2.25
CA ILE F 144 -33.24 6.89 -1.64
C ILE F 144 -33.60 5.83 -2.66
N TRP F 145 -32.69 4.88 -2.88
CA TRP F 145 -32.89 3.82 -3.85
C TRP F 145 -32.79 2.40 -3.27
N GLN F 146 -33.74 1.54 -3.66
CA GLN F 146 -33.76 0.15 -3.23
C GLN F 146 -33.65 -0.77 -4.43
N VAL F 147 -32.62 -1.61 -4.44
CA VAL F 147 -32.41 -2.54 -5.54
C VAL F 147 -32.04 -3.90 -5.02
N GLY F 148 -32.08 -4.90 -5.90
CA GLY F 148 -31.74 -6.25 -5.51
C GLY F 148 -31.38 -7.08 -6.73
N GLY F 149 -30.68 -8.18 -6.50
CA GLY F 149 -30.27 -9.03 -7.59
C GLY F 149 -29.26 -10.06 -7.20
N THR F 150 -28.31 -10.31 -8.09
CA THR F 150 -27.28 -11.31 -7.87
C THR F 150 -25.91 -10.87 -8.39
N ALA F 151 -24.93 -11.72 -8.13
CA ALA F 151 -23.56 -11.53 -8.58
C ALA F 151 -23.30 -12.88 -9.24
N GLN F 152 -22.72 -12.87 -10.44
CA GLN F 152 -22.49 -14.11 -11.16
C GLN F 152 -21.09 -14.28 -11.72
N VAL F 153 -20.65 -15.53 -11.75
CA VAL F 153 -19.35 -15.89 -12.30
C VAL F 153 -19.64 -16.99 -13.32
N ASP F 154 -19.17 -16.79 -14.54
CA ASP F 154 -19.37 -17.73 -15.63
C ASP F 154 -20.80 -18.27 -15.71
N GLY F 155 -21.78 -17.37 -15.61
CA GLY F 155 -23.16 -17.80 -15.71
C GLY F 155 -23.82 -18.35 -14.46
N LYS F 156 -23.04 -18.64 -13.43
CA LYS F 156 -23.60 -19.16 -12.18
C LYS F 156 -23.75 -18.09 -11.10
N VAL F 157 -24.79 -18.24 -10.29
CA VAL F 157 -25.05 -17.32 -9.21
C VAL F 157 -24.11 -17.63 -8.06
N VAL F 158 -23.28 -16.68 -7.68
CA VAL F 158 -22.36 -16.88 -6.57
C VAL F 158 -22.88 -16.14 -5.36
N ALA F 159 -23.83 -15.23 -5.58
CA ALA F 159 -24.41 -14.44 -4.49
C ALA F 159 -25.71 -13.75 -4.85
N GLU F 160 -26.52 -13.46 -3.84
CA GLU F 160 -27.82 -12.79 -3.99
C GLU F 160 -27.89 -11.70 -2.93
N ALA F 161 -28.58 -10.61 -3.24
CA ALA F 161 -28.70 -9.54 -2.24
C ALA F 161 -29.72 -8.46 -2.61
N GLU F 162 -30.10 -7.69 -1.59
CA GLU F 162 -31.03 -6.58 -1.74
C GLU F 162 -30.46 -5.49 -0.87
N LEU F 163 -30.59 -4.24 -1.30
CA LEU F 163 -30.03 -3.15 -0.51
C LEU F 163 -30.67 -1.81 -0.82
N LYS F 164 -30.44 -0.86 0.09
CA LYS F 164 -30.98 0.48 -0.06
C LYS F 164 -29.87 1.47 0.27
N ALA F 165 -29.64 2.39 -0.66
CA ALA F 165 -28.60 3.40 -0.47
C ALA F 165 -29.19 4.79 -0.63
N MET F 166 -28.44 5.79 -0.21
CA MET F 166 -28.89 7.16 -0.32
C MET F 166 -27.82 8.03 -0.93
N ILE F 167 -28.21 8.85 -1.90
CA ILE F 167 -27.29 9.78 -2.54
C ILE F 167 -27.39 11.08 -1.74
N ALA F 168 -26.26 11.71 -1.45
CA ALA F 168 -26.28 12.95 -0.65
C ALA F 168 -25.26 14.01 -1.06
N GLU F 169 -25.60 15.28 -0.84
CA GLU F 169 -24.69 16.38 -1.15
C GLU F 169 -23.45 16.25 -0.27
#